data_6C9P
#
_entry.id   6C9P
#
_cell.length_a   49.438
_cell.length_b   49.438
_cell.length_c   263.986
_cell.angle_alpha   90.00
_cell.angle_beta   90.00
_cell.angle_gamma   90.00
#
_symmetry.space_group_name_H-M   'P 41'
#
loop_
_entity.id
_entity.type
_entity.pdbx_description
1 polymer 'Adenosine kinase'
2 non-polymer 'SULFATE ION'
3 non-polymer 'SODIUM ION'
4 non-polymer 2-HYDROXYMETHYL-5-(6-METHYLSULFANYL-PURIN-9-YL)-TETRAHYDRO-FURAN-3,4-DIOL
5 non-polymer GLYCEROL
6 water water
#
_entity_poly.entity_id   1
_entity_poly.type   'polypeptide(L)'
_entity_poly.pdbx_seq_one_letter_code
;MTIAVTGSIATDHLMRFPGRFSEQLLPEHLHKVSLSFLVDDLVMHRGGVAGNMAFAIGVLGGEVALVGAAGADFADYRDW
LKARGVNCDHVLISETAHTARFTCTTDVDMAQIASFYPGAMSEARNIKLADVVSAIGKPELVIIGANDPEAMFLHTEECR
KLGLAFAADPSQQLARLSGEEIRRLVNGAAYLFTNDYEWDLLLSKTGWSEADVMAQIDLRVTTLGPKGVDLVEPDGTTIH
VGVVPETSQTDPTGVGDAFRAGFLTGRSAGLGLERSAQLGSLVAVLVLESTGTQEWQWDYEAAASRLAGAYGEHAAAEIV
AVLA
;
_entity_poly.pdbx_strand_id   A,B
#
loop_
_chem_comp.id
_chem_comp.type
_chem_comp.name
_chem_comp.formula
GOL non-polymer GLYCEROL 'C3 H8 O3'
MTP non-polymer 2-HYDROXYMETHYL-5-(6-METHYLSULFANYL-PURIN-9-YL)-TETRAHYDRO-FURAN-3,4-DIOL 'C11 H14 N4 O4 S'
NA non-polymer 'SODIUM ION' 'Na 1'
SO4 non-polymer 'SULFATE ION' 'O4 S -2'
#
# COMPACT_ATOMS: atom_id res chain seq x y z
N THR A 2 -27.22 3.78 -24.16
CA THR A 2 -25.89 4.27 -23.77
C THR A 2 -25.85 4.59 -22.28
N ILE A 3 -24.90 3.98 -21.58
CA ILE A 3 -24.75 4.13 -20.13
C ILE A 3 -23.53 4.99 -19.86
N ALA A 4 -23.72 6.07 -19.11
CA ALA A 4 -22.63 6.96 -18.72
C ALA A 4 -22.18 6.59 -17.31
N VAL A 5 -20.92 6.17 -17.18
CA VAL A 5 -20.39 5.71 -15.90
C VAL A 5 -19.49 6.81 -15.34
N THR A 6 -19.94 7.42 -14.24
CA THR A 6 -19.12 8.39 -13.52
C THR A 6 -18.59 7.75 -12.25
N GLY A 7 -17.37 8.10 -11.87
CA GLY A 7 -16.74 7.54 -10.70
C GLY A 7 -15.23 7.53 -10.85
N SER A 8 -14.59 6.88 -9.89
CA SER A 8 -13.13 6.92 -9.81
C SER A 8 -12.50 6.12 -10.94
N ILE A 9 -11.36 6.63 -11.41
CA ILE A 9 -10.47 5.92 -12.32
C ILE A 9 -9.14 5.79 -11.60
N ALA A 10 -8.58 4.59 -11.54
CA ALA A 10 -7.42 4.39 -10.68
C ALA A 10 -6.54 3.28 -11.21
N THR A 11 -5.33 3.21 -10.63
CA THR A 11 -4.48 2.04 -10.72
C THR A 11 -4.57 1.33 -9.38
N ASP A 12 -4.85 0.02 -9.40
CA ASP A 12 -4.99 -0.77 -8.20
C ASP A 12 -3.69 -1.54 -7.98
N HIS A 13 -3.06 -1.32 -6.83
CA HIS A 13 -1.87 -2.07 -6.43
C HIS A 13 -2.34 -3.08 -5.38
N LEU A 14 -2.55 -4.31 -5.82
CA LEU A 14 -3.20 -5.35 -5.04
C LEU A 14 -2.17 -6.34 -4.54
N MET A 15 -2.20 -6.59 -3.23
CA MET A 15 -1.28 -7.50 -2.56
C MET A 15 -2.08 -8.55 -1.81
N ARG A 16 -1.44 -9.69 -1.59
CA ARG A 16 -2.05 -10.82 -0.90
C ARG A 16 -1.24 -11.09 0.36
N PHE A 17 -1.90 -11.08 1.51
CA PHE A 17 -1.27 -11.46 2.77
C PHE A 17 -1.65 -12.90 3.09
N PRO A 18 -0.70 -13.85 3.12
CA PRO A 18 -1.07 -15.26 3.34
C PRO A 18 -1.40 -15.57 4.79
N GLY A 19 -2.08 -14.65 5.46
CA GLY A 19 -2.50 -14.85 6.83
C GLY A 19 -3.86 -14.24 7.09
N ARG A 20 -4.17 -13.97 8.36
CA ARG A 20 -5.42 -13.31 8.75
C ARG A 20 -5.07 -12.02 9.47
N PHE A 21 -5.76 -10.94 9.12
CA PHE A 21 -5.53 -9.66 9.78
C PHE A 21 -5.95 -9.77 11.25
N SER A 22 -5.03 -10.22 12.10
CA SER A 22 -5.32 -10.39 13.52
C SER A 22 -4.14 -9.88 14.34
N GLU A 23 -3.65 -8.69 13.99
CA GLU A 23 -2.55 -8.06 14.69
C GLU A 23 -3.05 -6.81 15.40
N VAL A 33 0.66 2.00 17.02
CA VAL A 33 0.35 0.96 16.04
C VAL A 33 1.48 0.88 15.04
N SER A 34 1.87 -0.35 14.66
CA SER A 34 2.96 -0.59 13.72
C SER A 34 2.71 -1.93 13.02
N LEU A 35 1.67 -1.97 12.20
CA LEU A 35 1.31 -3.20 11.50
C LEU A 35 2.20 -3.39 10.28
N SER A 36 2.77 -4.59 10.15
CA SER A 36 3.61 -4.95 9.01
C SER A 36 3.15 -6.32 8.52
N PHE A 37 2.74 -6.38 7.25
CA PHE A 37 2.23 -7.60 6.64
C PHE A 37 3.21 -8.06 5.57
N LEU A 38 3.80 -9.23 5.77
CA LEU A 38 4.62 -9.86 4.74
C LEU A 38 3.68 -10.45 3.69
N VAL A 39 3.67 -9.85 2.50
CA VAL A 39 2.77 -10.27 1.43
C VAL A 39 3.55 -11.11 0.42
N ASP A 40 2.84 -12.01 -0.26
CA ASP A 40 3.44 -12.91 -1.22
C ASP A 40 2.98 -12.67 -2.64
N ASP A 41 2.28 -11.57 -2.89
CA ASP A 41 1.84 -11.21 -4.24
C ASP A 41 1.69 -9.70 -4.31
N LEU A 42 2.08 -9.14 -5.45
CA LEU A 42 1.93 -7.70 -5.69
C LEU A 42 1.72 -7.50 -7.18
N VAL A 43 0.54 -7.03 -7.57
CA VAL A 43 0.24 -6.81 -8.98
C VAL A 43 -0.46 -5.47 -9.13
N MET A 44 -0.27 -4.85 -10.28
CA MET A 44 -0.89 -3.57 -10.61
C MET A 44 -1.86 -3.77 -11.76
N HIS A 45 -3.09 -3.29 -11.57
CA HIS A 45 -4.16 -3.51 -12.53
C HIS A 45 -4.95 -2.23 -12.74
N ARG A 46 -5.75 -2.21 -13.79
CA ARG A 46 -6.66 -1.10 -14.04
C ARG A 46 -7.82 -1.16 -13.05
N GLY A 47 -8.25 0.00 -12.57
CA GLY A 47 -9.25 0.04 -11.53
C GLY A 47 -9.97 1.36 -11.45
N GLY A 48 -10.55 1.62 -10.28
CA GLY A 48 -11.51 2.68 -10.12
C GLY A 48 -12.90 2.14 -10.42
N VAL A 49 -13.90 2.53 -9.64
CA VAL A 49 -15.23 1.94 -9.78
C VAL A 49 -15.79 2.22 -11.17
N ALA A 50 -15.60 3.44 -11.67
CA ALA A 50 -16.12 3.78 -12.99
C ALA A 50 -15.40 3.01 -14.08
N GLY A 51 -14.07 2.91 -13.98
CA GLY A 51 -13.34 2.10 -14.94
C GLY A 51 -13.77 0.65 -14.93
N ASN A 52 -13.95 0.08 -13.74
CA ASN A 52 -14.39 -1.31 -13.63
C ASN A 52 -15.75 -1.50 -14.28
N MET A 53 -16.72 -0.67 -13.92
CA MET A 53 -18.07 -0.84 -14.45
C MET A 53 -18.10 -0.61 -15.96
N ALA A 54 -17.41 0.42 -16.45
CA ALA A 54 -17.39 0.67 -17.89
C ALA A 54 -16.74 -0.48 -18.64
N PHE A 55 -15.61 -0.99 -18.12
CA PHE A 55 -14.97 -2.15 -18.73
C PHE A 55 -15.94 -3.32 -18.82
N ALA A 56 -16.63 -3.62 -17.72
CA ALA A 56 -17.53 -4.77 -17.69
C ALA A 56 -18.68 -4.59 -18.68
N ILE A 57 -19.26 -3.38 -18.73
CA ILE A 57 -20.35 -3.12 -19.66
C ILE A 57 -19.86 -3.26 -21.10
N GLY A 58 -18.66 -2.75 -21.40
CA GLY A 58 -18.12 -2.87 -22.75
C GLY A 58 -17.87 -4.31 -23.15
N VAL A 59 -17.28 -5.09 -22.26
CA VAL A 59 -17.01 -6.49 -22.55
C VAL A 59 -18.31 -7.23 -22.85
N LEU A 60 -19.37 -6.93 -22.09
CA LEU A 60 -20.65 -7.60 -22.27
C LEU A 60 -21.39 -7.12 -23.52
N GLY A 61 -20.83 -6.19 -24.28
CA GLY A 61 -21.45 -5.72 -25.50
C GLY A 61 -22.32 -4.49 -25.38
N GLY A 62 -22.29 -3.81 -24.23
CA GLY A 62 -23.11 -2.62 -24.06
C GLY A 62 -22.46 -1.37 -24.61
N GLU A 63 -23.29 -0.33 -24.79
CA GLU A 63 -22.82 0.98 -25.20
C GLU A 63 -22.59 1.82 -23.95
N VAL A 64 -21.35 2.23 -23.72
CA VAL A 64 -20.95 2.80 -22.44
C VAL A 64 -19.90 3.87 -22.69
N ALA A 65 -20.00 4.95 -21.91
CA ALA A 65 -19.04 6.05 -21.93
C ALA A 65 -18.51 6.27 -20.52
N LEU A 66 -17.19 6.30 -20.38
CA LEU A 66 -16.56 6.56 -19.10
C LEU A 66 -16.43 8.07 -18.90
N VAL A 67 -16.82 8.54 -17.71
CA VAL A 67 -16.84 9.97 -17.40
C VAL A 67 -16.16 10.13 -16.04
N GLY A 68 -14.87 10.42 -16.06
CA GLY A 68 -14.11 10.60 -14.83
C GLY A 68 -12.85 11.38 -15.10
N ALA A 69 -12.06 11.55 -14.05
CA ALA A 69 -10.83 12.32 -14.11
C ALA A 69 -9.63 11.40 -13.89
N ALA A 70 -8.61 11.56 -14.73
CA ALA A 70 -7.37 10.80 -14.64
C ALA A 70 -6.21 11.71 -15.00
N GLY A 71 -4.99 11.17 -14.96
CA GLY A 71 -3.80 11.90 -15.33
C GLY A 71 -3.38 11.64 -16.77
N ALA A 72 -2.28 12.29 -17.16
CA ALA A 72 -1.74 12.09 -18.50
C ALA A 72 -1.27 10.66 -18.73
N ASP A 73 -0.98 9.92 -17.66
CA ASP A 73 -0.60 8.53 -17.73
C ASP A 73 -1.73 7.61 -18.20
N PHE A 74 -2.90 8.15 -18.52
CA PHE A 74 -4.08 7.36 -18.82
C PHE A 74 -4.04 6.70 -20.19
N ALA A 75 -3.04 7.02 -21.03
CA ALA A 75 -3.08 6.61 -22.43
C ALA A 75 -3.32 5.11 -22.57
N ASP A 76 -2.47 4.29 -21.92
CA ASP A 76 -2.60 2.86 -22.06
C ASP A 76 -3.97 2.40 -21.57
N TYR A 77 -4.37 2.89 -20.39
CA TYR A 77 -5.70 2.56 -19.88
C TYR A 77 -6.76 2.86 -20.92
N ARG A 78 -6.66 4.02 -21.56
CA ARG A 78 -7.64 4.39 -22.57
C ARG A 78 -7.67 3.36 -23.68
N ASP A 79 -6.49 3.01 -24.22
CA ASP A 79 -6.47 1.99 -25.26
C ASP A 79 -7.14 0.73 -24.75
N TRP A 80 -6.76 0.29 -23.54
CA TRP A 80 -7.30 -0.93 -22.97
C TRP A 80 -8.83 -0.88 -22.94
N LEU A 81 -9.39 0.27 -22.58
CA LEU A 81 -10.85 0.38 -22.52
C LEU A 81 -11.46 0.51 -23.91
N LYS A 82 -10.81 1.25 -24.81
CA LYS A 82 -11.38 1.42 -26.13
C LYS A 82 -11.44 0.11 -26.89
N ALA A 83 -10.46 -0.77 -26.67
CA ALA A 83 -10.50 -2.08 -27.29
C ALA A 83 -11.75 -2.87 -26.89
N ARG A 84 -12.40 -2.50 -25.78
CA ARG A 84 -13.60 -3.18 -25.32
C ARG A 84 -14.86 -2.36 -25.56
N GLY A 85 -14.79 -1.35 -26.42
CA GLY A 85 -15.96 -0.59 -26.81
C GLY A 85 -16.34 0.54 -25.89
N VAL A 86 -15.51 0.87 -24.91
CA VAL A 86 -15.81 1.96 -23.99
C VAL A 86 -15.41 3.28 -24.64
N ASN A 87 -16.32 4.26 -24.58
CA ASN A 87 -16.05 5.59 -25.10
C ASN A 87 -15.36 6.42 -24.01
N CYS A 88 -14.09 6.73 -24.24
CA CYS A 88 -13.27 7.46 -23.27
C CYS A 88 -13.05 8.91 -23.67
N ASP A 89 -13.82 9.42 -24.61
CA ASP A 89 -13.62 10.79 -25.09
C ASP A 89 -13.79 11.81 -23.96
N HIS A 90 -14.60 11.48 -22.96
CA HIS A 90 -14.97 12.44 -21.92
C HIS A 90 -14.30 12.13 -20.58
N VAL A 91 -13.15 11.47 -20.61
CA VAL A 91 -12.29 11.37 -19.45
C VAL A 91 -11.49 12.67 -19.35
N LEU A 92 -11.65 13.38 -18.24
CA LEU A 92 -10.87 14.59 -18.00
C LEU A 92 -9.42 14.24 -17.68
N ILE A 93 -8.49 14.84 -18.39
CA ILE A 93 -7.06 14.60 -18.21
C ILE A 93 -6.47 15.79 -17.45
N SER A 94 -5.88 15.50 -16.30
CA SER A 94 -5.35 16.56 -15.44
C SER A 94 -4.06 17.11 -16.04
N GLU A 95 -3.89 18.43 -15.91
CA GLU A 95 -2.63 19.06 -16.28
C GLU A 95 -1.48 18.57 -15.41
N THR A 96 -1.75 18.31 -14.13
CA THR A 96 -0.71 18.11 -13.13
C THR A 96 -0.77 16.75 -12.46
N ALA A 97 -1.94 16.31 -12.04
CA ALA A 97 -2.04 15.19 -11.12
C ALA A 97 -1.95 13.85 -11.85
N HIS A 98 -1.51 12.83 -11.13
CA HIS A 98 -1.50 11.46 -11.61
C HIS A 98 -2.87 10.83 -11.40
N THR A 99 -3.13 9.76 -12.15
CA THR A 99 -4.35 8.99 -11.93
C THR A 99 -4.38 8.48 -10.49
N ALA A 100 -5.57 8.47 -9.91
CA ALA A 100 -5.73 7.99 -8.54
C ALA A 100 -5.09 6.61 -8.38
N ARG A 101 -4.69 6.30 -7.15
CA ARG A 101 -4.12 4.99 -6.86
C ARG A 101 -4.78 4.36 -5.65
N PHE A 102 -5.23 3.12 -5.82
CA PHE A 102 -5.79 2.30 -4.74
C PHE A 102 -4.77 1.24 -4.39
N THR A 103 -4.35 1.20 -3.13
CA THR A 103 -3.38 0.22 -2.64
C THR A 103 -4.09 -0.66 -1.62
N CYS A 104 -4.07 -1.97 -1.83
CA CYS A 104 -4.89 -2.86 -1.02
C CYS A 104 -4.14 -4.15 -0.71
N THR A 105 -4.27 -4.60 0.54
CA THR A 105 -3.77 -5.90 0.97
C THR A 105 -4.98 -6.73 1.39
N THR A 106 -5.11 -7.92 0.81
CA THR A 106 -6.21 -8.83 1.08
C THR A 106 -5.68 -10.07 1.79
N ASP A 107 -6.31 -10.47 2.88
CA ASP A 107 -5.87 -11.61 3.65
C ASP A 107 -6.63 -12.86 3.19
N VAL A 108 -6.41 -13.99 3.88
CA VAL A 108 -6.99 -15.25 3.44
C VAL A 108 -8.50 -15.26 3.58
N ASP A 109 -9.06 -14.45 4.49
CA ASP A 109 -10.49 -14.39 4.70
C ASP A 109 -11.18 -13.38 3.79
N MET A 110 -10.47 -12.85 2.80
CA MET A 110 -10.96 -11.79 1.92
C MET A 110 -11.15 -10.47 2.65
N ALA A 111 -10.67 -10.35 3.89
CA ALA A 111 -10.61 -9.05 4.55
C ALA A 111 -9.55 -8.18 3.87
N GLN A 112 -9.74 -6.87 3.95
CA GLN A 112 -8.89 -5.95 3.20
C GLN A 112 -8.48 -4.76 4.05
N ILE A 113 -7.23 -4.34 3.87
CA ILE A 113 -6.70 -3.11 4.45
C ILE A 113 -6.11 -2.31 3.30
N ALA A 114 -6.63 -1.10 3.09
CA ALA A 114 -6.32 -0.36 1.87
C ALA A 114 -6.19 1.13 2.16
N SER A 115 -5.48 1.79 1.26
CA SER A 115 -5.33 3.25 1.23
C SER A 115 -5.63 3.73 -0.18
N PHE A 116 -6.33 4.86 -0.28
CA PHE A 116 -6.72 5.43 -1.56
C PHE A 116 -6.16 6.84 -1.67
N TYR A 117 -5.34 7.08 -2.70
CA TYR A 117 -4.83 8.41 -3.00
C TYR A 117 -5.61 8.98 -4.18
N PRO A 118 -6.40 10.04 -4.00
CA PRO A 118 -7.29 10.47 -5.10
C PRO A 118 -6.57 11.06 -6.29
N GLY A 119 -5.56 11.89 -6.06
CA GLY A 119 -4.88 12.55 -7.16
C GLY A 119 -5.87 13.20 -8.11
N ALA A 120 -5.71 12.90 -9.40
CA ALA A 120 -6.52 13.53 -10.44
C ALA A 120 -8.01 13.39 -10.20
N MET A 121 -8.43 12.40 -9.39
CA MET A 121 -9.85 12.23 -9.12
C MET A 121 -10.47 13.52 -8.61
N SER A 122 -9.70 14.32 -7.86
CA SER A 122 -10.27 15.54 -7.29
C SER A 122 -10.77 16.50 -8.35
N GLU A 123 -10.34 16.34 -9.61
CA GLU A 123 -10.76 17.23 -10.68
C GLU A 123 -12.03 16.78 -11.37
N ALA A 124 -12.61 15.64 -10.97
CA ALA A 124 -13.87 15.23 -11.57
C ALA A 124 -14.96 16.27 -11.35
N ARG A 125 -14.85 17.08 -10.30
CA ARG A 125 -15.83 18.14 -10.06
C ARG A 125 -15.84 19.18 -11.17
N ASN A 126 -14.84 19.18 -12.05
CA ASN A 126 -14.83 20.08 -13.20
C ASN A 126 -15.45 19.47 -14.44
N ILE A 127 -15.82 18.19 -14.39
CA ILE A 127 -16.46 17.54 -15.52
C ILE A 127 -17.90 18.01 -15.59
N LYS A 128 -18.41 18.18 -16.81
CA LYS A 128 -19.76 18.71 -17.03
C LYS A 128 -20.51 17.76 -17.94
N LEU A 129 -21.57 17.14 -17.41
CA LEU A 129 -22.34 16.19 -18.20
C LEU A 129 -23.02 16.83 -19.40
N ALA A 130 -23.19 18.16 -19.39
CA ALA A 130 -23.77 18.83 -20.55
C ALA A 130 -22.94 18.58 -21.80
N ASP A 131 -21.60 18.62 -21.66
CA ASP A 131 -20.74 18.33 -22.79
C ASP A 131 -20.92 16.90 -23.28
N VAL A 132 -21.04 15.95 -22.34
CA VAL A 132 -21.24 14.56 -22.71
C VAL A 132 -22.56 14.41 -23.48
N VAL A 133 -23.61 15.07 -23.01
CA VAL A 133 -24.91 14.95 -23.66
C VAL A 133 -24.85 15.55 -25.06
N SER A 134 -24.18 16.69 -25.20
CA SER A 134 -24.04 17.31 -26.51
C SER A 134 -23.19 16.48 -27.45
N ALA A 135 -22.31 15.64 -26.91
CA ALA A 135 -21.45 14.82 -27.77
C ALA A 135 -22.09 13.49 -28.17
N ILE A 136 -22.79 12.82 -27.26
CA ILE A 136 -23.26 11.46 -27.48
C ILE A 136 -24.77 11.34 -27.35
N GLY A 137 -25.47 12.44 -27.16
CA GLY A 137 -26.88 12.38 -26.83
C GLY A 137 -27.09 12.16 -25.34
N LYS A 138 -28.35 12.14 -24.95
CA LYS A 138 -28.70 11.95 -23.55
C LYS A 138 -28.53 10.48 -23.17
N PRO A 139 -27.72 10.15 -22.17
CA PRO A 139 -27.55 8.74 -21.81
C PRO A 139 -28.83 8.15 -21.24
N GLU A 140 -29.02 6.85 -21.51
CA GLU A 140 -30.15 6.11 -20.96
C GLU A 140 -30.06 6.00 -19.44
N LEU A 141 -28.86 6.08 -18.88
CA LEU A 141 -28.68 6.01 -17.43
C LEU A 141 -27.29 6.52 -17.10
N VAL A 142 -27.18 7.22 -15.98
CA VAL A 142 -25.91 7.73 -15.50
C VAL A 142 -25.64 7.12 -14.13
N ILE A 143 -24.53 6.41 -14.00
CA ILE A 143 -24.12 5.83 -12.73
C ILE A 143 -23.30 6.86 -11.97
N ILE A 144 -23.79 7.26 -10.80
CA ILE A 144 -23.07 8.18 -9.93
C ILE A 144 -22.33 7.31 -8.92
N GLY A 145 -21.12 6.85 -9.31
CA GLY A 145 -20.32 6.01 -8.46
C GLY A 145 -19.34 6.78 -7.59
N ALA A 146 -18.67 6.04 -6.70
CA ALA A 146 -17.70 6.65 -5.80
C ALA A 146 -16.71 7.51 -6.58
N ASN A 147 -16.54 8.75 -6.14
CA ASN A 147 -15.82 9.75 -6.91
C ASN A 147 -15.42 10.87 -5.95
N ASP A 148 -14.90 11.96 -6.50
CA ASP A 148 -14.73 13.19 -5.75
C ASP A 148 -16.10 13.60 -5.19
N PRO A 149 -16.25 13.78 -3.87
CA PRO A 149 -17.60 14.05 -3.33
C PRO A 149 -18.36 15.15 -4.04
N GLU A 150 -17.73 16.31 -4.23
CA GLU A 150 -18.37 17.40 -4.95
C GLU A 150 -18.74 16.98 -6.36
N ALA A 151 -17.88 16.17 -7.00
CA ALA A 151 -18.23 15.66 -8.32
C ALA A 151 -19.50 14.81 -8.25
N MET A 152 -19.63 13.96 -7.23
CA MET A 152 -20.82 13.14 -7.10
C MET A 152 -22.07 14.01 -6.97
N PHE A 153 -22.01 15.02 -6.09
CA PHE A 153 -23.20 15.85 -5.89
C PHE A 153 -23.54 16.63 -7.16
N LEU A 154 -22.54 17.24 -7.80
CA LEU A 154 -22.80 18.03 -9.00
C LEU A 154 -23.33 17.14 -10.12
N HIS A 155 -22.80 15.93 -10.25
CA HIS A 155 -23.31 15.00 -11.26
C HIS A 155 -24.76 14.68 -11.01
N THR A 156 -25.11 14.38 -9.75
CA THR A 156 -26.51 14.06 -9.45
C THR A 156 -27.42 15.25 -9.73
N GLU A 157 -27.00 16.45 -9.32
CA GLU A 157 -27.84 17.62 -9.54
C GLU A 157 -28.00 17.91 -11.03
N GLU A 158 -26.94 17.71 -11.81
CA GLU A 158 -27.05 17.94 -13.25
C GLU A 158 -27.90 16.88 -13.92
N CYS A 159 -27.86 15.64 -13.42
CA CYS A 159 -28.80 14.63 -13.90
C CYS A 159 -30.24 15.08 -13.66
N ARG A 160 -30.52 15.57 -12.44
CA ARG A 160 -31.86 16.05 -12.16
C ARG A 160 -32.26 17.20 -13.07
N LYS A 161 -31.35 18.15 -13.30
CA LYS A 161 -31.70 19.35 -14.06
C LYS A 161 -31.87 19.01 -15.54
N LEU A 162 -31.05 18.11 -16.07
CA LEU A 162 -31.12 17.74 -17.48
C LEU A 162 -32.07 16.58 -17.74
N GLY A 163 -32.75 16.07 -16.72
CA GLY A 163 -33.73 15.02 -16.91
C GLY A 163 -33.16 13.65 -17.21
N LEU A 164 -31.98 13.35 -16.69
CA LEU A 164 -31.32 12.06 -16.93
C LEU A 164 -31.58 11.12 -15.75
N ALA A 165 -32.00 9.90 -16.05
CA ALA A 165 -32.13 8.87 -15.02
C ALA A 165 -30.74 8.52 -14.49
N PHE A 166 -30.65 8.26 -13.19
CA PHE A 166 -29.36 7.98 -12.58
C PHE A 166 -29.47 6.89 -11.54
N ALA A 167 -28.32 6.26 -11.29
CA ALA A 167 -28.16 5.23 -10.27
C ALA A 167 -27.20 5.76 -9.22
N ALA A 168 -27.70 5.97 -8.00
CA ALA A 168 -26.84 6.35 -6.89
C ALA A 168 -26.03 5.13 -6.44
N ASP A 169 -24.70 5.25 -6.47
CA ASP A 169 -23.81 4.11 -6.21
C ASP A 169 -22.65 4.62 -5.36
N PRO A 170 -22.95 5.13 -4.16
CA PRO A 170 -21.90 5.84 -3.40
C PRO A 170 -20.86 4.92 -2.78
N SER A 171 -21.21 3.67 -2.46
CA SER A 171 -20.30 2.67 -1.94
C SER A 171 -19.23 3.24 -1.02
N GLN A 172 -17.97 3.26 -1.47
CA GLN A 172 -16.84 3.58 -0.59
C GLN A 172 -16.94 4.96 0.03
N GLN A 173 -17.72 5.86 -0.55
CA GLN A 173 -17.82 7.22 -0.05
C GLN A 173 -18.92 7.41 0.98
N LEU A 174 -19.74 6.39 1.23
CA LEU A 174 -20.85 6.55 2.17
C LEU A 174 -20.36 6.90 3.57
N ALA A 175 -19.23 6.32 3.98
CA ALA A 175 -18.71 6.59 5.32
C ALA A 175 -18.05 7.95 5.44
N ARG A 176 -17.74 8.59 4.32
CA ARG A 176 -17.04 9.88 4.33
C ARG A 176 -17.97 11.06 4.11
N LEU A 177 -19.24 10.80 3.80
CA LEU A 177 -20.23 11.83 3.53
C LEU A 177 -21.12 12.03 4.75
N SER A 178 -21.65 13.24 4.89
CA SER A 178 -22.57 13.51 5.97
C SER A 178 -23.97 13.01 5.61
N GLY A 179 -24.86 13.02 6.60
CA GLY A 179 -26.23 12.61 6.34
C GLY A 179 -26.87 13.43 5.24
N GLU A 180 -26.70 14.76 5.31
CA GLU A 180 -27.27 15.63 4.29
C GLU A 180 -26.71 15.33 2.91
N GLU A 181 -25.40 15.12 2.81
CA GLU A 181 -24.79 14.82 1.50
C GLU A 181 -25.37 13.55 0.91
N ILE A 182 -25.44 12.49 1.72
CA ILE A 182 -26.00 11.22 1.25
C ILE A 182 -27.45 11.42 0.83
N ARG A 183 -28.21 12.20 1.62
CA ARG A 183 -29.59 12.49 1.25
C ARG A 183 -29.67 13.16 -0.11
N ARG A 184 -28.79 14.15 -0.35
CA ARG A 184 -28.80 14.84 -1.64
C ARG A 184 -28.46 13.89 -2.78
N LEU A 185 -27.76 12.79 -2.48
CA LEU A 185 -27.43 11.84 -3.54
C LEU A 185 -28.56 10.87 -3.88
N VAL A 186 -29.51 10.64 -2.97
CA VAL A 186 -30.45 9.54 -3.12
C VAL A 186 -31.72 9.97 -3.82
N ASN A 187 -32.23 11.16 -3.55
CA ASN A 187 -33.56 11.54 -4.03
C ASN A 187 -33.63 11.48 -5.55
N GLY A 188 -34.68 10.83 -6.06
CA GLY A 188 -34.94 10.75 -7.48
C GLY A 188 -34.18 9.67 -8.22
N ALA A 189 -33.35 8.89 -7.54
CA ALA A 189 -32.54 7.90 -8.22
C ALA A 189 -33.40 6.81 -8.84
N ALA A 190 -33.08 6.44 -10.08
CA ALA A 190 -33.70 5.30 -10.71
C ALA A 190 -33.22 3.99 -10.08
N TYR A 191 -31.99 3.96 -9.59
CA TYR A 191 -31.47 2.82 -8.86
C TYR A 191 -30.70 3.33 -7.64
N LEU A 192 -30.74 2.54 -6.57
CA LEU A 192 -29.86 2.74 -5.43
C LEU A 192 -29.10 1.44 -5.18
N PHE A 193 -27.77 1.49 -5.30
CA PHE A 193 -26.92 0.33 -5.08
C PHE A 193 -26.15 0.50 -3.78
N THR A 194 -26.27 -0.47 -2.88
CA THR A 194 -25.37 -0.56 -1.73
C THR A 194 -25.21 -2.03 -1.37
N ASN A 195 -24.36 -2.31 -0.40
CA ASN A 195 -24.37 -3.60 0.28
C ASN A 195 -25.18 -3.46 1.58
N ASP A 196 -25.34 -4.59 2.29
CA ASP A 196 -26.20 -4.58 3.47
C ASP A 196 -25.65 -3.66 4.55
N TYR A 197 -24.35 -3.77 4.84
CA TYR A 197 -23.74 -2.87 5.81
C TYR A 197 -23.91 -1.42 5.39
N GLU A 198 -23.71 -1.14 4.09
CA GLU A 198 -23.87 0.22 3.58
C GLU A 198 -25.33 0.67 3.64
N TRP A 199 -26.28 -0.26 3.48
CA TRP A 199 -27.69 0.10 3.60
C TRP A 199 -28.02 0.52 5.03
N ASP A 200 -27.56 -0.28 6.01
CA ASP A 200 -27.75 0.10 7.41
C ASP A 200 -27.09 1.44 7.72
N LEU A 201 -25.86 1.65 7.21
CA LEU A 201 -25.16 2.90 7.47
C LEU A 201 -25.88 4.08 6.82
N LEU A 202 -26.38 3.91 5.60
CA LEU A 202 -27.12 4.97 4.94
C LEU A 202 -28.34 5.36 5.76
N LEU A 203 -29.10 4.36 6.22
CA LEU A 203 -30.27 4.64 7.05
C LEU A 203 -29.87 5.41 8.31
N SER A 204 -28.86 4.91 9.03
CA SER A 204 -28.48 5.55 10.28
C SER A 204 -28.02 6.99 10.05
N LYS A 205 -27.25 7.22 8.99
CA LYS A 205 -26.65 8.54 8.77
C LYS A 205 -27.66 9.55 8.26
N THR A 206 -28.53 9.15 7.33
CA THR A 206 -29.53 10.07 6.80
C THR A 206 -30.69 10.29 7.76
N GLY A 207 -30.86 9.43 8.76
CA GLY A 207 -32.04 9.46 9.59
C GLY A 207 -33.30 8.98 8.91
N TRP A 208 -33.21 8.59 7.64
CA TRP A 208 -34.38 8.08 6.92
C TRP A 208 -34.71 6.67 7.38
N SER A 209 -36.00 6.35 7.36
CA SER A 209 -36.43 4.97 7.50
C SER A 209 -36.35 4.27 6.14
N GLU A 210 -36.48 2.95 6.16
CA GLU A 210 -36.52 2.19 4.91
C GLU A 210 -37.61 2.73 3.99
N ALA A 211 -38.79 2.98 4.55
CA ALA A 211 -39.89 3.50 3.74
C ALA A 211 -39.57 4.90 3.22
N ASP A 212 -38.95 5.74 4.04
CA ASP A 212 -38.51 7.06 3.58
C ASP A 212 -37.64 6.94 2.34
N VAL A 213 -36.70 6.00 2.33
CA VAL A 213 -35.82 5.84 1.18
C VAL A 213 -36.61 5.32 -0.01
N MET A 214 -37.39 4.25 0.18
CA MET A 214 -38.06 3.63 -0.95
C MET A 214 -39.05 4.57 -1.62
N ALA A 215 -39.56 5.55 -0.88
CA ALA A 215 -40.48 6.51 -1.47
C ALA A 215 -39.80 7.48 -2.43
N GLN A 216 -38.46 7.52 -2.46
CA GLN A 216 -37.73 8.46 -3.29
C GLN A 216 -36.97 7.81 -4.44
N ILE A 217 -36.97 6.48 -4.53
CA ILE A 217 -36.21 5.77 -5.55
C ILE A 217 -37.14 4.79 -6.25
N ASP A 218 -36.70 4.35 -7.45
CA ASP A 218 -37.46 3.38 -8.22
C ASP A 218 -37.11 1.94 -7.85
N LEU A 219 -35.89 1.69 -7.36
CA LEU A 219 -35.49 0.34 -7.01
C LEU A 219 -34.29 0.38 -6.09
N ARG A 220 -34.34 -0.41 -5.03
CA ARG A 220 -33.19 -0.64 -4.15
C ARG A 220 -32.52 -1.96 -4.53
N VAL A 221 -31.21 -1.93 -4.71
CA VAL A 221 -30.41 -3.11 -4.95
C VAL A 221 -29.39 -3.19 -3.82
N THR A 222 -29.48 -4.26 -3.03
CA THR A 222 -28.67 -4.43 -1.84
C THR A 222 -27.93 -5.75 -1.97
N THR A 223 -26.62 -5.68 -2.19
CA THR A 223 -25.81 -6.88 -2.28
C THR A 223 -25.50 -7.40 -0.87
N LEU A 224 -25.44 -8.71 -0.74
CA LEU A 224 -25.36 -9.38 0.54
C LEU A 224 -24.16 -10.30 0.63
N GLY A 225 -23.12 -10.02 -0.14
CA GLY A 225 -21.95 -10.87 -0.16
C GLY A 225 -22.28 -12.28 -0.60
N PRO A 226 -21.95 -13.26 0.24
CA PRO A 226 -22.25 -14.66 -0.14
C PRO A 226 -23.74 -14.98 -0.17
N LYS A 227 -24.58 -14.18 0.47
CA LYS A 227 -26.02 -14.45 0.50
C LYS A 227 -26.75 -13.94 -0.74
N GLY A 228 -26.05 -13.38 -1.71
CA GLY A 228 -26.68 -12.98 -2.95
C GLY A 228 -26.99 -11.50 -3.04
N VAL A 229 -28.18 -11.18 -3.56
CA VAL A 229 -28.59 -9.80 -3.74
C VAL A 229 -30.10 -9.71 -3.57
N ASP A 230 -30.56 -8.58 -3.05
CA ASP A 230 -31.98 -8.26 -2.97
C ASP A 230 -32.30 -7.09 -3.91
N LEU A 231 -33.39 -7.24 -4.64
CA LEU A 231 -33.97 -6.19 -5.47
C LEU A 231 -35.34 -5.86 -4.87
N VAL A 232 -35.48 -4.67 -4.31
CA VAL A 232 -36.67 -4.27 -3.57
C VAL A 232 -37.32 -3.10 -4.30
N GLU A 233 -38.61 -3.26 -4.62
CA GLU A 233 -39.38 -2.19 -5.22
C GLU A 233 -40.05 -1.36 -4.14
N PRO A 234 -40.48 -0.13 -4.47
CA PRO A 234 -41.12 0.71 -3.44
C PRO A 234 -42.34 0.08 -2.80
N ASP A 235 -43.05 -0.79 -3.51
CA ASP A 235 -44.24 -1.43 -2.95
C ASP A 235 -43.92 -2.67 -2.13
N GLY A 236 -42.64 -2.94 -1.87
CA GLY A 236 -42.24 -4.08 -1.08
C GLY A 236 -41.92 -5.34 -1.87
N THR A 237 -42.31 -5.40 -3.14
CA THR A 237 -41.97 -6.56 -3.97
C THR A 237 -40.47 -6.81 -3.95
N THR A 238 -40.07 -7.99 -3.51
CA THR A 238 -38.67 -8.32 -3.29
C THR A 238 -38.29 -9.56 -4.08
N ILE A 239 -37.25 -9.43 -4.90
CA ILE A 239 -36.63 -10.56 -5.60
C ILE A 239 -35.28 -10.80 -4.94
N HIS A 240 -35.08 -12.01 -4.44
CA HIS A 240 -33.81 -12.42 -3.87
C HIS A 240 -33.11 -13.35 -4.85
N VAL A 241 -31.91 -12.99 -5.27
CA VAL A 241 -31.14 -13.79 -6.23
C VAL A 241 -29.91 -14.32 -5.51
N GLY A 242 -29.81 -15.64 -5.44
CA GLY A 242 -28.67 -16.26 -4.82
C GLY A 242 -27.41 -16.08 -5.63
N VAL A 243 -26.28 -16.31 -4.97
CA VAL A 243 -25.00 -16.15 -5.63
C VAL A 243 -24.81 -17.25 -6.67
N VAL A 244 -23.96 -16.97 -7.65
CA VAL A 244 -23.38 -18.02 -8.48
C VAL A 244 -22.24 -18.61 -7.65
N PRO A 245 -22.35 -19.82 -7.11
CA PRO A 245 -21.34 -20.29 -6.18
C PRO A 245 -19.96 -20.28 -6.80
N GLU A 246 -18.98 -19.88 -5.98
CA GLU A 246 -17.61 -19.71 -6.44
C GLU A 246 -16.85 -21.02 -6.36
N THR A 247 -15.85 -21.16 -7.24
CA THR A 247 -14.95 -22.30 -7.25
C THR A 247 -13.51 -21.95 -6.91
N SER A 248 -13.06 -20.74 -7.24
CA SER A 248 -11.68 -20.33 -7.01
C SER A 248 -11.65 -18.88 -6.52
N GLN A 249 -12.29 -18.66 -5.36
CA GLN A 249 -12.25 -17.36 -4.69
C GLN A 249 -10.83 -16.87 -4.47
N THR A 250 -10.54 -15.66 -4.94
CA THR A 250 -9.17 -15.15 -4.84
C THR A 250 -9.07 -13.72 -4.34
N ASP A 251 -9.91 -12.79 -4.83
CA ASP A 251 -9.81 -11.39 -4.44
C ASP A 251 -11.16 -10.69 -4.57
N PRO A 252 -11.63 -10.01 -3.51
CA PRO A 252 -12.97 -9.39 -3.56
C PRO A 252 -13.02 -8.03 -4.23
N THR A 253 -11.87 -7.46 -4.62
CA THR A 253 -11.86 -6.11 -5.19
C THR A 253 -12.66 -6.07 -6.50
N GLY A 254 -13.60 -5.12 -6.58
CA GLY A 254 -14.36 -4.92 -7.78
C GLY A 254 -15.55 -5.83 -7.97
N VAL A 255 -15.88 -6.67 -6.98
CA VAL A 255 -16.99 -7.60 -7.16
C VAL A 255 -18.32 -6.86 -7.25
N GLY A 256 -18.52 -5.86 -6.39
CA GLY A 256 -19.75 -5.08 -6.46
C GLY A 256 -19.88 -4.31 -7.76
N ASP A 257 -18.79 -3.67 -8.19
CA ASP A 257 -18.79 -3.00 -9.48
C ASP A 257 -19.19 -3.98 -10.58
N ALA A 258 -18.64 -5.18 -10.53
CA ALA A 258 -18.94 -6.19 -11.55
C ALA A 258 -20.42 -6.54 -11.54
N PHE A 259 -20.99 -6.75 -10.36
CA PHE A 259 -22.42 -7.06 -10.28
C PHE A 259 -23.24 -5.92 -10.87
N ARG A 260 -22.93 -4.68 -10.48
CA ARG A 260 -23.67 -3.54 -11.00
C ARG A 260 -23.58 -3.49 -12.51
N ALA A 261 -22.41 -3.73 -13.07
CA ALA A 261 -22.23 -3.68 -14.52
C ALA A 261 -23.04 -4.77 -15.21
N GLY A 262 -22.94 -6.01 -14.73
CA GLY A 262 -23.72 -7.08 -15.33
C GLY A 262 -25.22 -6.85 -15.23
N PHE A 263 -25.67 -6.41 -14.05
CA PHE A 263 -27.10 -6.15 -13.84
C PHE A 263 -27.59 -5.04 -14.76
N LEU A 264 -26.84 -3.95 -14.87
CA LEU A 264 -27.31 -2.84 -15.69
C LEU A 264 -27.19 -3.17 -17.17
N THR A 265 -26.21 -3.99 -17.56
CA THR A 265 -26.17 -4.45 -18.94
C THR A 265 -27.39 -5.30 -19.27
N GLY A 266 -27.74 -6.23 -18.37
CA GLY A 266 -28.95 -7.01 -18.57
C GLY A 266 -30.18 -6.14 -18.66
N ARG A 267 -30.28 -5.13 -17.80
CA ARG A 267 -31.43 -4.22 -17.84
C ARG A 267 -31.49 -3.49 -19.18
N SER A 268 -30.34 -2.96 -19.63
CA SER A 268 -30.29 -2.26 -20.91
C SER A 268 -30.59 -3.19 -22.08
N ALA A 269 -30.39 -4.50 -21.91
CA ALA A 269 -30.72 -5.48 -22.93
C ALA A 269 -32.17 -5.94 -22.87
N GLY A 270 -32.99 -5.37 -22.00
CA GLY A 270 -34.39 -5.72 -21.93
C GLY A 270 -34.73 -6.87 -21.00
N LEU A 271 -33.77 -7.38 -20.24
CA LEU A 271 -34.04 -8.45 -19.31
C LEU A 271 -34.77 -7.93 -18.08
N GLY A 272 -35.57 -8.80 -17.47
CA GLY A 272 -36.23 -8.49 -16.22
C GLY A 272 -35.25 -8.34 -15.08
N LEU A 273 -35.79 -7.94 -13.92
CA LEU A 273 -34.96 -7.70 -12.75
C LEU A 273 -34.21 -8.96 -12.33
N GLU A 274 -34.91 -10.09 -12.26
CA GLU A 274 -34.29 -11.31 -11.77
C GLU A 274 -33.20 -11.81 -12.70
N ARG A 275 -33.48 -11.83 -14.01
CA ARG A 275 -32.49 -12.27 -14.99
C ARG A 275 -31.27 -11.34 -15.00
N SER A 276 -31.51 -10.04 -14.91
CA SER A 276 -30.41 -9.08 -14.86
C SER A 276 -29.54 -9.32 -13.62
N ALA A 277 -30.18 -9.60 -12.48
CA ALA A 277 -29.42 -9.87 -11.26
C ALA A 277 -28.66 -11.19 -11.35
N GLN A 278 -29.21 -12.17 -12.06
CA GLN A 278 -28.49 -13.43 -12.28
C GLN A 278 -27.24 -13.22 -13.12
N LEU A 279 -27.37 -12.45 -14.20
CA LEU A 279 -26.19 -12.09 -15.00
C LEU A 279 -25.18 -11.31 -14.16
N GLY A 280 -25.65 -10.36 -13.35
CA GLY A 280 -24.75 -9.62 -12.50
C GLY A 280 -24.03 -10.53 -11.52
N SER A 281 -24.73 -11.52 -10.97
CA SER A 281 -24.10 -12.49 -10.07
C SER A 281 -23.01 -13.27 -10.78
N LEU A 282 -23.26 -13.65 -12.04
CA LEU A 282 -22.22 -14.34 -12.81
C LEU A 282 -20.97 -13.47 -12.95
N VAL A 283 -21.15 -12.23 -13.40
CA VAL A 283 -19.98 -11.36 -13.59
C VAL A 283 -19.28 -11.13 -12.25
N ALA A 284 -20.06 -10.99 -11.17
CA ALA A 284 -19.49 -10.78 -9.85
C ALA A 284 -18.59 -11.94 -9.45
N VAL A 285 -19.06 -13.17 -9.65
CA VAL A 285 -18.22 -14.30 -9.23
C VAL A 285 -17.00 -14.42 -10.13
N LEU A 286 -17.13 -14.07 -11.42
CA LEU A 286 -15.96 -14.10 -12.28
C LEU A 286 -14.90 -13.12 -11.78
N VAL A 287 -15.33 -11.96 -11.29
CA VAL A 287 -14.36 -11.00 -10.75
C VAL A 287 -13.80 -11.49 -9.42
N LEU A 288 -14.65 -12.07 -8.57
CA LEU A 288 -14.18 -12.62 -7.29
C LEU A 288 -13.10 -13.67 -7.49
N GLU A 289 -13.15 -14.40 -8.61
CA GLU A 289 -12.22 -15.48 -8.89
C GLU A 289 -11.00 -15.03 -9.67
N SER A 290 -10.79 -13.72 -9.82
CA SER A 290 -9.59 -13.17 -10.41
C SER A 290 -9.02 -12.11 -9.48
N THR A 291 -7.75 -11.76 -9.70
CA THR A 291 -7.08 -10.82 -8.80
C THR A 291 -7.49 -9.38 -9.08
N GLY A 292 -7.17 -8.88 -10.26
CA GLY A 292 -7.57 -7.54 -10.65
C GLY A 292 -9.08 -7.43 -10.77
N THR A 293 -9.55 -6.21 -11.07
CA THR A 293 -10.97 -5.96 -11.24
C THR A 293 -11.43 -6.15 -12.68
N GLN A 294 -10.53 -6.03 -13.66
CA GLN A 294 -10.84 -6.18 -15.07
C GLN A 294 -10.01 -7.31 -15.68
N GLU A 295 -9.58 -8.25 -14.84
CA GLU A 295 -8.72 -9.35 -15.25
C GLU A 295 -9.51 -10.58 -15.65
N TRP A 296 -10.84 -10.52 -15.60
CA TRP A 296 -11.68 -11.67 -15.90
C TRP A 296 -11.90 -11.79 -17.40
N GLN A 297 -12.25 -13.00 -17.83
CA GLN A 297 -12.50 -13.30 -19.23
C GLN A 297 -13.97 -13.67 -19.40
N TRP A 298 -14.55 -13.30 -20.55
CA TRP A 298 -15.93 -13.62 -20.86
C TRP A 298 -15.95 -14.84 -21.76
N ASP A 299 -16.30 -15.99 -21.19
CA ASP A 299 -16.47 -17.24 -21.92
C ASP A 299 -17.97 -17.52 -22.01
N TYR A 300 -18.50 -17.45 -23.23
CA TYR A 300 -19.95 -17.60 -23.42
C TYR A 300 -20.45 -18.95 -22.93
N GLU A 301 -19.72 -20.03 -23.24
CA GLU A 301 -20.16 -21.36 -22.82
C GLU A 301 -20.02 -21.56 -21.32
N ALA A 302 -18.91 -21.13 -20.73
CA ALA A 302 -18.77 -21.23 -19.28
C ALA A 302 -19.82 -20.39 -18.58
N ALA A 303 -20.12 -19.21 -19.13
CA ALA A 303 -21.18 -18.37 -18.59
C ALA A 303 -22.52 -19.10 -18.64
N ALA A 304 -22.88 -19.66 -19.79
CA ALA A 304 -24.13 -20.40 -19.90
C ALA A 304 -24.16 -21.56 -18.90
N SER A 305 -23.06 -22.30 -18.78
CA SER A 305 -23.01 -23.45 -17.90
C SER A 305 -23.22 -23.05 -16.44
N ARG A 306 -22.51 -22.01 -15.99
CA ARG A 306 -22.62 -21.63 -14.58
C ARG A 306 -23.98 -21.01 -14.29
N LEU A 307 -24.51 -20.20 -15.21
CA LEU A 307 -25.86 -19.69 -15.05
C LEU A 307 -26.87 -20.82 -14.94
N ALA A 308 -26.76 -21.83 -15.80
CA ALA A 308 -27.71 -22.94 -15.76
C ALA A 308 -27.59 -23.72 -14.46
N GLY A 309 -26.36 -23.98 -14.01
CA GLY A 309 -26.17 -24.69 -12.76
C GLY A 309 -26.77 -23.95 -11.58
N ALA A 310 -26.67 -22.62 -11.58
CA ALA A 310 -27.15 -21.86 -10.43
C ALA A 310 -28.64 -21.58 -10.48
N TYR A 311 -29.18 -21.31 -11.67
CA TYR A 311 -30.53 -20.78 -11.84
C TYR A 311 -31.42 -21.55 -12.78
N GLY A 312 -30.93 -22.55 -13.48
CA GLY A 312 -31.80 -23.32 -14.36
C GLY A 312 -31.52 -23.07 -15.83
N GLU A 313 -31.80 -24.09 -16.65
CA GLU A 313 -31.53 -24.00 -18.08
C GLU A 313 -32.30 -22.85 -18.73
N HIS A 314 -33.55 -22.63 -18.34
CA HIS A 314 -34.37 -21.60 -18.97
C HIS A 314 -33.79 -20.22 -18.72
N ALA A 315 -33.45 -19.92 -17.47
CA ALA A 315 -32.87 -18.63 -17.14
C ALA A 315 -31.55 -18.43 -17.87
N ALA A 316 -30.69 -19.45 -17.86
CA ALA A 316 -29.40 -19.34 -18.55
C ALA A 316 -29.59 -19.04 -20.03
N ALA A 317 -30.51 -19.76 -20.68
CA ALA A 317 -30.75 -19.57 -22.10
C ALA A 317 -31.26 -18.17 -22.38
N GLU A 318 -32.22 -17.70 -21.58
CA GLU A 318 -32.77 -16.37 -21.79
C GLU A 318 -31.69 -15.31 -21.59
N ILE A 319 -30.81 -15.50 -20.62
CA ILE A 319 -29.75 -14.53 -20.37
C ILE A 319 -28.76 -14.51 -21.53
N VAL A 320 -28.27 -15.68 -21.95
CA VAL A 320 -27.25 -15.71 -22.98
C VAL A 320 -27.82 -15.32 -24.34
N ALA A 321 -29.15 -15.37 -24.50
CA ALA A 321 -29.73 -14.98 -25.78
C ALA A 321 -29.46 -13.51 -26.10
N VAL A 322 -29.41 -12.66 -25.10
CA VAL A 322 -29.28 -11.22 -25.34
C VAL A 322 -27.83 -10.79 -25.32
N LEU A 323 -26.91 -11.75 -25.23
CA LEU A 323 -25.47 -11.43 -25.26
C LEU A 323 -24.81 -12.09 -26.47
N THR B 2 36.13 0.31 5.63
CA THR B 2 35.07 -0.05 4.68
C THR B 2 34.00 -0.89 5.38
N ILE B 3 32.75 -0.42 5.32
CA ILE B 3 31.63 -1.07 5.97
C ILE B 3 30.77 -1.75 4.91
N ALA B 4 30.52 -3.04 5.11
CA ALA B 4 29.67 -3.82 4.20
C ALA B 4 28.27 -3.88 4.79
N VAL B 5 27.30 -3.34 4.07
CA VAL B 5 25.92 -3.26 4.53
C VAL B 5 25.11 -4.31 3.81
N THR B 6 24.65 -5.32 4.54
CA THR B 6 23.76 -6.34 4.00
C THR B 6 22.34 -6.08 4.54
N GLY B 7 21.36 -6.33 3.70
CA GLY B 7 19.98 -6.11 4.08
C GLY B 7 19.14 -5.80 2.85
N SER B 8 17.90 -5.40 3.12
CA SER B 8 16.91 -5.23 2.06
C SER B 8 17.25 -4.03 1.20
N ILE B 9 16.94 -4.16 -0.09
CA ILE B 9 16.93 -3.07 -1.05
C ILE B 9 15.50 -2.99 -1.58
N ALA B 10 14.91 -1.80 -1.58
CA ALA B 10 13.49 -1.71 -1.87
C ALA B 10 13.15 -0.35 -2.47
N THR B 11 11.95 -0.28 -3.02
CA THR B 11 11.29 0.99 -3.33
C THR B 11 10.21 1.20 -2.28
N ASP B 12 10.22 2.37 -1.66
CA ASP B 12 9.26 2.70 -0.60
C ASP B 12 8.14 3.55 -1.20
N HIS B 13 6.92 3.06 -1.09
CA HIS B 13 5.72 3.81 -1.50
C HIS B 13 5.08 4.32 -0.22
N LEU B 14 5.33 5.59 0.09
CA LEU B 14 4.99 6.17 1.38
C LEU B 14 3.79 7.09 1.24
N MET B 15 2.78 6.87 2.08
CA MET B 15 1.56 7.64 2.07
C MET B 15 1.33 8.24 3.45
N ARG B 16 0.58 9.33 3.47
CA ARG B 16 0.27 10.05 4.70
C ARG B 16 -1.24 10.02 4.90
N PHE B 17 -1.68 9.50 6.05
CA PHE B 17 -3.09 9.53 6.41
C PHE B 17 -3.32 10.68 7.38
N PRO B 18 -4.10 11.71 7.01
CA PRO B 18 -4.23 12.88 7.90
C PRO B 18 -5.16 12.64 9.08
N GLY B 19 -5.09 11.44 9.66
CA GLY B 19 -5.90 11.11 10.81
C GLY B 19 -5.16 10.22 11.78
N ARG B 20 -5.90 9.50 12.63
CA ARG B 20 -5.33 8.54 13.56
C ARG B 20 -5.93 7.18 13.27
N PHE B 21 -5.09 6.15 13.23
CA PHE B 21 -5.57 4.79 13.00
C PHE B 21 -6.45 4.36 14.17
N SER B 22 -7.74 4.68 14.09
CA SER B 22 -8.70 4.38 15.14
C SER B 22 -9.98 3.86 14.49
N GLU B 23 -9.81 2.92 13.55
CA GLU B 23 -10.93 2.34 12.82
C GLU B 23 -11.12 0.88 13.22
N LYS B 32 -13.51 -10.01 9.04
CA LYS B 32 -14.31 -9.12 8.20
C LYS B 32 -13.76 -7.70 8.23
N VAL B 33 -12.45 -7.58 8.43
CA VAL B 33 -11.81 -6.27 8.45
C VAL B 33 -11.93 -5.63 7.07
N SER B 34 -12.18 -4.32 7.06
CA SER B 34 -12.33 -3.57 5.82
C SER B 34 -11.89 -2.12 6.07
N LEU B 35 -10.60 -1.95 6.34
CA LEU B 35 -10.05 -0.64 6.61
C LEU B 35 -9.73 0.07 5.30
N SER B 36 -10.16 1.32 5.20
CA SER B 36 -9.90 2.16 4.03
C SER B 36 -9.43 3.52 4.53
N PHE B 37 -8.22 3.92 4.15
CA PHE B 37 -7.63 5.17 4.59
C PHE B 37 -7.52 6.11 3.40
N LEU B 38 -8.25 7.22 3.44
CA LEU B 38 -8.09 8.29 2.46
C LEU B 38 -6.81 9.04 2.78
N VAL B 39 -5.80 8.90 1.93
CA VAL B 39 -4.49 9.50 2.16
C VAL B 39 -4.35 10.75 1.30
N ASP B 40 -3.55 11.70 1.78
CA ASP B 40 -3.36 12.97 1.10
C ASP B 40 -1.94 13.17 0.59
N ASP B 41 -1.12 12.11 0.59
CA ASP B 41 0.23 12.19 0.05
C ASP B 41 0.62 10.78 -0.41
N LEU B 42 1.33 10.72 -1.55
CA LEU B 42 1.82 9.44 -2.06
C LEU B 42 3.12 9.73 -2.82
N VAL B 43 4.23 9.21 -2.32
CA VAL B 43 5.53 9.43 -2.94
C VAL B 43 6.29 8.12 -2.96
N MET B 44 7.15 7.97 -3.97
CA MET B 44 7.96 6.78 -4.15
C MET B 44 9.43 7.16 -3.99
N HIS B 45 10.13 6.44 -3.10
CA HIS B 45 11.50 6.78 -2.74
C HIS B 45 12.36 5.54 -2.68
N ARG B 46 13.67 5.76 -2.69
CA ARG B 46 14.63 4.69 -2.51
C ARG B 46 14.61 4.22 -1.06
N GLY B 47 14.73 2.93 -0.86
CA GLY B 47 14.57 2.36 0.46
C GLY B 47 15.23 1.01 0.62
N GLY B 48 14.76 0.26 1.61
CA GLY B 48 15.45 -0.92 2.08
C GLY B 48 16.44 -0.53 3.16
N VAL B 49 16.56 -1.33 4.21
CA VAL B 49 17.41 -0.94 5.33
C VAL B 49 18.86 -0.82 4.88
N ALA B 50 19.33 -1.77 4.04
CA ALA B 50 20.70 -1.73 3.57
C ALA B 50 20.94 -0.52 2.68
N GLY B 51 20.00 -0.23 1.77
CA GLY B 51 20.13 0.96 0.95
C GLY B 51 20.17 2.22 1.77
N ASN B 52 19.28 2.32 2.77
CA ASN B 52 19.25 3.50 3.63
C ASN B 52 20.58 3.69 4.36
N MET B 53 21.06 2.62 5.01
CA MET B 53 22.29 2.74 5.79
C MET B 53 23.49 3.02 4.89
N ALA B 54 23.57 2.36 3.73
CA ALA B 54 24.68 2.61 2.82
C ALA B 54 24.66 4.03 2.30
N PHE B 55 23.47 4.53 1.92
CA PHE B 55 23.35 5.91 1.48
C PHE B 55 23.85 6.86 2.57
N ALA B 56 23.39 6.65 3.81
CA ALA B 56 23.77 7.56 4.88
C ALA B 56 25.27 7.52 5.15
N ILE B 57 25.87 6.33 5.13
CA ILE B 57 27.32 6.23 5.35
C ILE B 57 28.07 6.93 4.22
N GLY B 58 27.62 6.75 2.99
CA GLY B 58 28.28 7.41 1.87
C GLY B 58 28.18 8.92 1.94
N VAL B 59 26.99 9.43 2.26
CA VAL B 59 26.79 10.88 2.36
C VAL B 59 27.72 11.47 3.43
N LEU B 60 27.87 10.77 4.55
CA LEU B 60 28.71 11.25 5.63
C LEU B 60 30.21 11.10 5.34
N GLY B 61 30.57 10.58 4.17
CA GLY B 61 31.97 10.44 3.81
C GLY B 61 32.58 9.10 4.13
N GLY B 62 31.77 8.10 4.51
CA GLY B 62 32.32 6.81 4.87
C GLY B 62 32.57 5.92 3.66
N GLU B 63 33.38 4.89 3.89
CA GLU B 63 33.69 3.90 2.87
C GLU B 63 32.73 2.73 3.06
N VAL B 64 31.87 2.48 2.07
CA VAL B 64 30.74 1.58 2.27
C VAL B 64 30.45 0.83 0.98
N ALA B 65 30.09 -0.45 1.12
CA ALA B 65 29.68 -1.30 0.01
C ALA B 65 28.32 -1.90 0.33
N LEU B 66 27.38 -1.76 -0.60
CA LEU B 66 26.05 -2.33 -0.46
C LEU B 66 26.05 -3.77 -0.95
N VAL B 67 25.47 -4.68 -0.14
CA VAL B 67 25.48 -6.11 -0.43
C VAL B 67 24.05 -6.61 -0.23
N GLY B 68 23.28 -6.67 -1.31
CA GLY B 68 21.91 -7.13 -1.25
C GLY B 68 21.44 -7.55 -2.63
N ALA B 69 20.18 -7.95 -2.69
CA ALA B 69 19.56 -8.43 -3.92
C ALA B 69 18.49 -7.46 -4.38
N ALA B 70 18.50 -7.14 -5.67
CA ALA B 70 17.53 -6.26 -6.29
C ALA B 70 17.22 -6.79 -7.68
N GLY B 71 16.31 -6.10 -8.39
CA GLY B 71 15.94 -6.46 -9.73
C GLY B 71 16.71 -5.66 -10.78
N ALA B 72 16.39 -5.93 -12.05
CA ALA B 72 17.01 -5.21 -13.16
C ALA B 72 16.63 -3.73 -13.15
N ASP B 73 15.53 -3.38 -12.49
CA ASP B 73 15.12 -1.98 -12.35
C ASP B 73 16.07 -1.17 -11.47
N PHE B 74 17.14 -1.78 -10.96
CA PHE B 74 18.03 -1.15 -9.98
C PHE B 74 18.96 -0.10 -10.59
N ALA B 75 18.95 0.10 -11.91
CA ALA B 75 19.95 0.96 -12.53
C ALA B 75 19.97 2.36 -11.93
N ASP B 76 18.80 3.02 -11.88
CA ASP B 76 18.74 4.38 -11.37
C ASP B 76 19.14 4.45 -9.91
N TYR B 77 18.65 3.50 -9.09
CA TYR B 77 19.07 3.41 -7.69
C TYR B 77 20.58 3.29 -7.58
N ARG B 78 21.19 2.48 -8.45
CA ARG B 78 22.63 2.30 -8.42
C ARG B 78 23.33 3.62 -8.70
N ASP B 79 22.89 4.33 -9.75
CA ASP B 79 23.46 5.63 -10.05
C ASP B 79 23.33 6.57 -8.85
N TRP B 80 22.14 6.60 -8.25
CA TRP B 80 21.89 7.46 -7.09
C TRP B 80 22.84 7.15 -5.96
N LEU B 81 23.11 5.86 -5.69
CA LEU B 81 23.98 5.50 -4.59
C LEU B 81 25.45 5.72 -4.93
N LYS B 82 25.84 5.44 -6.17
CA LYS B 82 27.23 5.63 -6.58
C LYS B 82 27.60 7.11 -6.55
N ALA B 83 26.64 7.99 -6.86
CA ALA B 83 26.89 9.42 -6.75
C ALA B 83 27.25 9.83 -5.33
N ARG B 84 26.89 9.01 -4.34
CA ARG B 84 27.21 9.30 -2.95
C ARG B 84 28.34 8.42 -2.41
N GLY B 85 29.10 7.79 -3.29
CA GLY B 85 30.28 7.04 -2.88
C GLY B 85 30.02 5.62 -2.42
N VAL B 86 28.82 5.10 -2.62
CA VAL B 86 28.51 3.73 -2.23
C VAL B 86 28.98 2.79 -3.33
N ASN B 87 29.66 1.71 -2.93
CA ASN B 87 30.12 0.70 -3.87
C ASN B 87 29.00 -0.31 -4.07
N CYS B 88 28.42 -0.35 -5.28
CA CYS B 88 27.30 -1.21 -5.59
C CYS B 88 27.69 -2.41 -6.45
N ASP B 89 28.99 -2.70 -6.56
CA ASP B 89 29.44 -3.78 -7.43
C ASP B 89 28.85 -5.12 -7.01
N HIS B 90 28.54 -5.30 -5.73
CA HIS B 90 28.13 -6.59 -5.20
C HIS B 90 26.65 -6.64 -4.86
N VAL B 91 25.84 -5.82 -5.52
CA VAL B 91 24.39 -5.97 -5.48
C VAL B 91 24.01 -7.07 -6.47
N LEU B 92 23.37 -8.13 -5.97
CA LEU B 92 22.89 -9.18 -6.85
C LEU B 92 21.68 -8.69 -7.64
N ILE B 93 21.73 -8.84 -8.95
CA ILE B 93 20.63 -8.44 -9.83
C ILE B 93 19.90 -9.70 -10.27
N SER B 94 18.62 -9.79 -9.95
CA SER B 94 17.85 -10.98 -10.25
C SER B 94 17.54 -11.05 -11.74
N GLU B 95 17.62 -12.26 -12.29
CA GLU B 95 17.17 -12.50 -13.65
C GLU B 95 15.67 -12.26 -13.80
N THR B 96 14.90 -12.54 -12.75
CA THR B 96 13.45 -12.61 -12.86
C THR B 96 12.74 -11.58 -12.00
N ALA B 97 13.11 -11.43 -10.74
CA ALA B 97 12.29 -10.71 -9.78
C ALA B 97 12.55 -9.20 -9.86
N HIS B 98 11.53 -8.44 -9.45
CA HIS B 98 11.66 -7.00 -9.28
C HIS B 98 12.24 -6.70 -7.91
N THR B 99 12.79 -5.49 -7.77
CA THR B 99 13.24 -5.03 -6.47
C THR B 99 12.09 -5.06 -5.47
N ALA B 100 12.40 -5.42 -4.23
CA ALA B 100 11.40 -5.44 -3.17
C ALA B 100 10.66 -4.11 -3.12
N ARG B 101 9.43 -4.15 -2.62
CA ARG B 101 8.64 -2.95 -2.44
C ARG B 101 8.04 -2.90 -1.04
N PHE B 102 8.24 -1.77 -0.37
CA PHE B 102 7.68 -1.49 0.93
C PHE B 102 6.57 -0.45 0.73
N THR B 103 5.36 -0.78 1.17
CA THR B 103 4.21 0.10 1.06
C THR B 103 3.77 0.46 2.47
N CYS B 104 3.67 1.76 2.76
CA CYS B 104 3.43 2.21 4.12
C CYS B 104 2.52 3.42 4.13
N THR B 105 1.57 3.41 5.08
CA THR B 105 0.72 4.55 5.38
C THR B 105 1.02 4.98 6.80
N THR B 106 1.36 6.26 6.97
CA THR B 106 1.71 6.81 8.28
C THR B 106 0.64 7.81 8.69
N ASP B 107 0.16 7.69 9.92
CA ASP B 107 -0.90 8.56 10.41
C ASP B 107 -0.27 9.75 11.14
N VAL B 108 -1.12 10.59 11.74
CA VAL B 108 -0.62 11.83 12.33
C VAL B 108 0.23 11.57 13.57
N ASP B 109 0.03 10.43 14.23
CA ASP B 109 0.80 10.08 15.43
C ASP B 109 2.10 9.35 15.10
N MET B 110 2.49 9.30 13.83
CA MET B 110 3.64 8.54 13.35
C MET B 110 3.43 7.04 13.47
N ALA B 111 2.21 6.58 13.74
CA ALA B 111 1.88 5.16 13.64
C ALA B 111 1.88 4.75 12.17
N GLN B 112 2.14 3.47 11.92
CA GLN B 112 2.34 2.99 10.55
C GLN B 112 1.61 1.67 10.33
N ILE B 113 1.02 1.55 9.15
CA ILE B 113 0.44 0.30 8.66
C ILE B 113 1.06 0.04 7.29
N ALA B 114 1.76 -1.08 7.14
CA ALA B 114 2.60 -1.29 5.98
C ALA B 114 2.56 -2.75 5.51
N SER B 115 2.88 -2.94 4.24
CA SER B 115 3.04 -4.25 3.63
C SER B 115 4.36 -4.28 2.89
N PHE B 116 5.06 -5.42 2.97
CA PHE B 116 6.36 -5.59 2.35
C PHE B 116 6.28 -6.77 1.39
N TYR B 117 6.61 -6.51 0.11
CA TYR B 117 6.72 -7.57 -0.88
C TYR B 117 8.19 -7.85 -1.14
N PRO B 118 8.71 -9.03 -0.79
CA PRO B 118 10.17 -9.22 -0.87
C PRO B 118 10.72 -9.23 -2.29
N GLY B 119 10.03 -9.86 -3.23
CA GLY B 119 10.55 -9.96 -4.58
C GLY B 119 11.99 -10.43 -4.61
N ALA B 120 12.84 -9.67 -5.32
CA ALA B 120 14.23 -10.07 -5.49
C ALA B 120 14.97 -10.26 -4.17
N MET B 121 14.47 -9.70 -3.07
CA MET B 121 15.16 -9.85 -1.78
C MET B 121 15.38 -11.31 -1.44
N SER B 122 14.47 -12.20 -1.85
CA SER B 122 14.59 -13.60 -1.50
C SER B 122 15.85 -14.23 -2.04
N GLU B 123 16.48 -13.61 -3.04
CA GLU B 123 17.69 -14.16 -3.66
C GLU B 123 18.97 -13.71 -2.97
N ALA B 124 18.88 -12.88 -1.93
CA ALA B 124 20.08 -12.51 -1.19
C ALA B 124 20.75 -13.73 -0.58
N ARG B 125 19.99 -14.81 -0.31
CA ARG B 125 20.59 -16.03 0.23
C ARG B 125 21.60 -16.66 -0.73
N ASN B 126 21.66 -16.21 -1.98
CA ASN B 126 22.65 -16.69 -2.93
C ASN B 126 23.92 -15.84 -2.93
N ILE B 127 23.94 -14.73 -2.20
CA ILE B 127 25.12 -13.88 -2.12
C ILE B 127 26.15 -14.52 -1.19
N LYS B 128 27.42 -14.36 -1.55
CA LYS B 128 28.53 -14.96 -0.82
C LYS B 128 29.50 -13.85 -0.44
N LEU B 129 29.65 -13.62 0.87
CA LEU B 129 30.53 -12.56 1.33
C LEU B 129 31.98 -12.83 0.96
N ALA B 130 32.32 -14.09 0.67
CA ALA B 130 33.68 -14.42 0.25
C ALA B 130 34.04 -13.66 -1.02
N ASP B 131 33.11 -13.56 -1.97
CA ASP B 131 33.37 -12.80 -3.19
C ASP B 131 33.63 -11.34 -2.86
N VAL B 132 32.85 -10.77 -1.94
CA VAL B 132 33.05 -9.37 -1.56
C VAL B 132 34.43 -9.17 -0.96
N VAL B 133 34.86 -10.08 -0.06
CA VAL B 133 36.16 -9.90 0.57
C VAL B 133 37.28 -10.05 -0.46
N SER B 134 37.14 -11.02 -1.37
CA SER B 134 38.14 -11.20 -2.42
C SER B 134 38.18 -10.01 -3.36
N ALA B 135 37.09 -9.26 -3.48
CA ALA B 135 37.07 -8.11 -4.38
C ALA B 135 37.57 -6.83 -3.73
N ILE B 136 37.21 -6.57 -2.47
CA ILE B 136 37.46 -5.28 -1.84
C ILE B 136 38.29 -5.40 -0.57
N GLY B 137 38.77 -6.59 -0.24
CA GLY B 137 39.38 -6.81 1.04
C GLY B 137 38.35 -7.10 2.11
N LYS B 138 38.84 -7.38 3.32
CA LYS B 138 37.96 -7.72 4.43
C LYS B 138 37.30 -6.45 4.98
N PRO B 139 35.98 -6.38 5.04
CA PRO B 139 35.35 -5.18 5.61
C PRO B 139 35.65 -5.04 7.08
N GLU B 140 35.78 -3.80 7.54
CA GLU B 140 35.99 -3.57 8.96
C GLU B 140 34.78 -4.00 9.79
N LEU B 141 33.60 -4.04 9.17
CA LEU B 141 32.38 -4.43 9.87
C LEU B 141 31.32 -4.77 8.82
N VAL B 142 30.52 -5.78 9.11
CA VAL B 142 29.44 -6.20 8.24
C VAL B 142 28.13 -6.05 9.02
N ILE B 143 27.21 -5.25 8.49
CA ILE B 143 25.91 -5.05 9.11
C ILE B 143 24.96 -6.13 8.59
N ILE B 144 24.44 -6.97 9.49
CA ILE B 144 23.48 -7.99 9.12
C ILE B 144 22.09 -7.43 9.39
N GLY B 145 21.56 -6.66 8.42
CA GLY B 145 20.26 -6.04 8.59
C GLY B 145 19.11 -6.90 8.07
N ALA B 146 17.89 -6.43 8.33
CA ALA B 146 16.70 -7.14 7.89
C ALA B 146 16.80 -7.49 6.41
N ASN B 147 16.56 -8.76 6.10
CA ASN B 147 16.86 -9.30 4.77
C ASN B 147 16.07 -10.60 4.61
N ASP B 148 16.34 -11.31 3.53
CA ASP B 148 15.86 -12.68 3.43
C ASP B 148 16.39 -13.45 4.64
N PRO B 149 15.52 -14.08 5.43
CA PRO B 149 16.01 -14.71 6.67
C PRO B 149 17.21 -15.63 6.48
N GLU B 150 17.13 -16.55 5.52
CA GLU B 150 18.26 -17.44 5.27
C GLU B 150 19.49 -16.63 4.88
N ALA B 151 19.30 -15.54 4.13
CA ALA B 151 20.43 -14.68 3.82
C ALA B 151 21.06 -14.12 5.09
N MET B 152 20.23 -13.69 6.04
CA MET B 152 20.77 -13.17 7.30
C MET B 152 21.60 -14.23 8.01
N PHE B 153 21.07 -15.46 8.10
CA PHE B 153 21.79 -16.52 8.81
C PHE B 153 23.10 -16.87 8.11
N LEU B 154 23.05 -17.04 6.79
CA LEU B 154 24.25 -17.39 6.05
C LEU B 154 25.29 -16.28 6.13
N HIS B 155 24.84 -15.02 6.08
CA HIS B 155 25.77 -13.91 6.23
C HIS B 155 26.44 -13.93 7.60
N THR B 156 25.67 -14.15 8.66
CA THR B 156 26.26 -14.19 9.99
C THR B 156 27.25 -15.34 10.12
N GLU B 157 26.88 -16.52 9.63
CA GLU B 157 27.77 -17.67 9.73
C GLU B 157 29.04 -17.45 8.90
N GLU B 158 28.91 -16.81 7.74
CA GLU B 158 30.08 -16.57 6.91
C GLU B 158 30.98 -15.50 7.53
N CYS B 159 30.39 -14.51 8.21
CA CYS B 159 31.20 -13.57 8.99
C CYS B 159 32.00 -14.32 10.06
N ARG B 160 31.33 -15.21 10.79
CA ARG B 160 32.04 -16.00 11.80
C ARG B 160 33.15 -16.83 11.16
N LYS B 161 32.88 -17.41 9.99
CA LYS B 161 33.84 -18.32 9.35
C LYS B 161 35.06 -17.58 8.83
N LEU B 162 34.89 -16.38 8.27
CA LEU B 162 36.01 -15.60 7.77
C LEU B 162 36.58 -14.63 8.80
N GLY B 163 36.04 -14.62 10.01
CA GLY B 163 36.58 -13.75 11.04
C GLY B 163 36.28 -12.29 10.87
N LEU B 164 35.11 -11.96 10.29
CA LEU B 164 34.70 -10.58 10.07
C LEU B 164 33.79 -10.13 11.21
N ALA B 165 34.07 -8.96 11.76
CA ALA B 165 33.19 -8.38 12.76
C ALA B 165 31.85 -8.05 12.11
N PHE B 166 30.76 -8.23 12.87
CA PHE B 166 29.44 -8.00 12.33
C PHE B 166 28.55 -7.35 13.38
N ALA B 167 27.52 -6.67 12.89
CA ALA B 167 26.50 -6.03 13.72
C ALA B 167 25.18 -6.72 13.46
N ALA B 168 24.63 -7.37 14.48
CA ALA B 168 23.30 -7.95 14.35
C ALA B 168 22.28 -6.82 14.39
N ASP B 169 21.49 -6.71 13.32
CA ASP B 169 20.55 -5.60 13.15
C ASP B 169 19.25 -6.15 12.57
N PRO B 170 18.59 -7.07 13.29
CA PRO B 170 17.46 -7.79 12.69
C PRO B 170 16.19 -6.97 12.55
N SER B 171 15.99 -5.96 13.40
CA SER B 171 14.86 -5.05 13.33
C SER B 171 13.57 -5.72 12.84
N GLN B 172 13.11 -5.39 11.63
CA GLN B 172 11.78 -5.78 11.18
C GLN B 172 11.59 -7.30 11.14
N GLN B 173 12.66 -8.08 11.10
CA GLN B 173 12.54 -9.53 10.98
C GLN B 173 12.50 -10.23 12.34
N LEU B 174 12.67 -9.50 13.45
CA LEU B 174 12.70 -10.14 14.75
C LEU B 174 11.37 -10.84 15.07
N ALA B 175 10.26 -10.25 14.65
CA ALA B 175 8.95 -10.85 14.94
C ALA B 175 8.67 -12.06 14.07
N ARG B 176 9.40 -12.25 12.97
CA ARG B 176 9.18 -13.37 12.06
C ARG B 176 10.18 -14.50 12.22
N LEU B 177 11.18 -14.35 13.07
CA LEU B 177 12.16 -15.39 13.31
C LEU B 177 11.85 -16.11 14.62
N SER B 178 12.25 -17.39 14.70
CA SER B 178 12.06 -18.16 15.91
C SER B 178 13.16 -17.83 16.92
N GLY B 179 12.97 -18.31 18.15
CA GLY B 179 13.96 -18.08 19.19
C GLY B 179 15.33 -18.60 18.80
N GLU B 180 15.39 -19.83 18.28
CA GLU B 180 16.67 -20.40 17.88
C GLU B 180 17.32 -19.56 16.78
N GLU B 181 16.52 -19.12 15.82
CA GLU B 181 17.04 -18.30 14.72
C GLU B 181 17.65 -17.01 15.23
N ILE B 182 16.92 -16.30 16.10
CA ILE B 182 17.44 -15.06 16.69
C ILE B 182 18.71 -15.34 17.46
N ARG B 183 18.73 -16.43 18.24
CA ARG B 183 19.92 -16.78 19.02
C ARG B 183 21.13 -16.94 18.12
N ARG B 184 20.97 -17.69 17.03
CA ARG B 184 22.06 -17.87 16.07
C ARG B 184 22.46 -16.58 15.38
N LEU B 185 21.59 -15.57 15.34
CA LEU B 185 22.01 -14.29 14.77
C LEU B 185 22.84 -13.43 15.74
N VAL B 186 22.70 -13.65 17.04
CA VAL B 186 23.25 -12.70 18.01
C VAL B 186 24.67 -13.05 18.44
N ASN B 187 24.98 -14.34 18.59
CA ASN B 187 26.25 -14.72 19.20
C ASN B 187 27.44 -14.18 18.42
N GLY B 188 28.39 -13.57 19.14
CA GLY B 188 29.61 -13.07 18.56
C GLY B 188 29.53 -11.69 17.95
N ALA B 189 28.36 -11.06 17.96
CA ALA B 189 28.19 -9.76 17.31
C ALA B 189 29.01 -8.69 18.03
N ALA B 190 29.69 -7.86 17.23
CA ALA B 190 30.35 -6.69 17.79
C ALA B 190 29.35 -5.62 18.21
N TYR B 191 28.20 -5.56 17.54
CA TYR B 191 27.11 -4.69 17.92
C TYR B 191 25.79 -5.44 17.83
N LEU B 192 24.86 -5.10 18.71
CA LEU B 192 23.47 -5.53 18.60
C LEU B 192 22.59 -4.29 18.59
N PHE B 193 21.86 -4.09 17.49
CA PHE B 193 20.95 -2.95 17.34
C PHE B 193 19.52 -3.45 17.43
N THR B 194 18.74 -2.88 18.34
CA THR B 194 17.30 -3.04 18.35
C THR B 194 16.70 -1.77 18.94
N ASN B 195 15.38 -1.68 18.95
CA ASN B 195 14.69 -0.70 19.77
C ASN B 195 14.24 -1.39 21.07
N ASP B 196 13.64 -0.61 21.97
CA ASP B 196 13.30 -1.15 23.29
C ASP B 196 12.28 -2.27 23.17
N TYR B 197 11.22 -2.05 22.40
CA TYR B 197 10.24 -3.12 22.18
C TYR B 197 10.90 -4.34 21.57
N GLU B 198 11.80 -4.14 20.60
CA GLU B 198 12.50 -5.26 19.99
C GLU B 198 13.46 -5.92 20.96
N TRP B 199 14.02 -5.16 21.90
CA TRP B 199 14.88 -5.77 22.92
C TRP B 199 14.07 -6.68 23.83
N ASP B 200 12.91 -6.20 24.30
CA ASP B 200 12.03 -7.06 25.10
C ASP B 200 11.62 -8.30 24.32
N LEU B 201 11.26 -8.12 23.04
CA LEU B 201 10.84 -9.26 22.23
C LEU B 201 11.97 -10.25 22.03
N LEU B 202 13.19 -9.77 21.79
CA LEU B 202 14.34 -10.63 21.62
C LEU B 202 14.57 -11.46 22.88
N LEU B 203 14.52 -10.83 24.05
CA LEU B 203 14.69 -11.57 25.29
C LEU B 203 13.60 -12.63 25.44
N SER B 204 12.34 -12.24 25.22
CA SER B 204 11.24 -13.17 25.40
C SER B 204 11.35 -14.37 24.45
N LYS B 205 11.73 -14.11 23.19
CA LYS B 205 11.74 -15.16 22.18
C LYS B 205 12.94 -16.08 22.32
N THR B 206 14.12 -15.53 22.59
CA THR B 206 15.31 -16.36 22.73
C THR B 206 15.35 -17.08 24.07
N GLY B 207 14.57 -16.64 25.05
CA GLY B 207 14.70 -17.15 26.41
C GLY B 207 15.93 -16.69 27.13
N TRP B 208 16.78 -15.87 26.49
CA TRP B 208 17.97 -15.35 27.14
C TRP B 208 17.60 -14.25 28.13
N SER B 209 18.39 -14.17 29.20
CA SER B 209 18.32 -13.01 30.07
C SER B 209 19.18 -11.88 29.49
N GLU B 210 19.03 -10.69 30.06
CA GLU B 210 19.88 -9.57 29.66
C GLU B 210 21.35 -9.94 29.77
N ALA B 211 21.74 -10.57 30.88
CA ALA B 211 23.12 -10.98 31.07
C ALA B 211 23.53 -12.02 30.05
N ASP B 212 22.63 -12.97 29.75
CA ASP B 212 22.91 -13.97 28.71
C ASP B 212 23.30 -13.29 27.40
N VAL B 213 22.55 -12.24 27.02
CA VAL B 213 22.84 -11.56 25.77
C VAL B 213 24.17 -10.82 25.86
N MET B 214 24.36 -10.02 26.93
CA MET B 214 25.54 -9.18 27.00
C MET B 214 26.82 -9.99 27.04
N ALA B 215 26.76 -11.24 27.52
CA ALA B 215 27.96 -12.07 27.56
C ALA B 215 28.40 -12.53 26.17
N GLN B 216 27.56 -12.34 25.14
CA GLN B 216 27.86 -12.83 23.80
C GLN B 216 28.12 -11.72 22.80
N ILE B 217 27.97 -10.45 23.20
CA ILE B 217 28.15 -9.33 22.29
C ILE B 217 29.10 -8.33 22.92
N ASP B 218 29.66 -7.47 22.07
CA ASP B 218 30.58 -6.43 22.53
C ASP B 218 29.85 -5.16 22.97
N LEU B 219 28.67 -4.90 22.42
CA LEU B 219 27.94 -3.69 22.76
C LEU B 219 26.48 -3.84 22.37
N ARG B 220 25.58 -3.45 23.27
CA ARG B 220 24.16 -3.36 22.97
C ARG B 220 23.80 -1.91 22.70
N VAL B 221 23.11 -1.67 21.58
CA VAL B 221 22.60 -0.35 21.24
C VAL B 221 21.09 -0.49 21.13
N THR B 222 20.36 0.19 22.00
CA THR B 222 18.91 0.08 22.09
C THR B 222 18.31 1.47 21.92
N THR B 223 17.65 1.68 20.78
CA THR B 223 16.99 2.95 20.53
C THR B 223 15.67 3.02 21.29
N LEU B 224 15.34 4.23 21.74
CA LEU B 224 14.20 4.44 22.63
C LEU B 224 13.24 5.49 22.08
N GLY B 225 13.20 5.63 20.75
CA GLY B 225 12.35 6.62 20.13
C GLY B 225 12.66 8.03 20.61
N PRO B 226 11.66 8.73 21.14
CA PRO B 226 11.91 10.11 21.61
C PRO B 226 12.81 10.18 22.83
N LYS B 227 12.97 9.07 23.55
CA LYS B 227 13.78 9.06 24.77
C LYS B 227 15.27 8.88 24.49
N GLY B 228 15.67 8.79 23.23
CA GLY B 228 17.08 8.72 22.90
C GLY B 228 17.59 7.32 22.58
N VAL B 229 18.78 6.99 23.07
CA VAL B 229 19.40 5.70 22.81
C VAL B 229 20.26 5.32 24.01
N ASP B 230 20.33 4.01 24.26
CA ASP B 230 21.23 3.47 25.27
C ASP B 230 22.34 2.67 24.60
N LEU B 231 23.57 2.88 25.07
CA LEU B 231 24.72 2.09 24.69
C LEU B 231 25.20 1.37 25.94
N VAL B 232 25.07 0.04 25.96
CA VAL B 232 25.35 -0.77 27.13
C VAL B 232 26.50 -1.71 26.82
N GLU B 233 27.54 -1.67 27.65
CA GLU B 233 28.67 -2.57 27.55
C GLU B 233 28.43 -3.82 28.38
N PRO B 234 29.16 -4.91 28.12
CA PRO B 234 28.94 -6.13 28.90
C PRO B 234 29.11 -5.94 30.40
N ASP B 235 29.95 -5.02 30.85
CA ASP B 235 30.17 -4.80 32.27
C ASP B 235 29.12 -3.86 32.89
N GLY B 236 28.07 -3.50 32.15
CA GLY B 236 27.02 -2.65 32.66
C GLY B 236 27.19 -1.17 32.39
N THR B 237 28.39 -0.73 31.98
CA THR B 237 28.61 0.67 31.65
C THR B 237 27.59 1.12 30.60
N THR B 238 26.82 2.14 30.95
CA THR B 238 25.69 2.59 30.13
C THR B 238 25.85 4.07 29.81
N ILE B 239 25.83 4.39 28.52
CA ILE B 239 25.79 5.77 28.04
C ILE B 239 24.40 5.99 27.45
N HIS B 240 23.68 6.96 28.00
CA HIS B 240 22.37 7.35 27.49
C HIS B 240 22.52 8.68 26.77
N VAL B 241 22.14 8.71 25.49
CA VAL B 241 22.22 9.90 24.67
C VAL B 241 20.81 10.31 24.28
N GLY B 242 20.41 11.51 24.69
CA GLY B 242 19.11 12.03 24.30
C GLY B 242 19.05 12.38 22.83
N VAL B 243 17.81 12.51 22.33
CA VAL B 243 17.62 12.82 20.92
C VAL B 243 18.08 14.24 20.63
N VAL B 244 18.35 14.52 19.35
CA VAL B 244 18.42 15.88 18.85
C VAL B 244 16.96 16.30 18.67
N PRO B 245 16.44 17.22 19.49
CA PRO B 245 15.00 17.50 19.44
C PRO B 245 14.55 17.91 18.05
N GLU B 246 13.38 17.42 17.65
CA GLU B 246 12.88 17.63 16.30
C GLU B 246 12.10 18.94 16.20
N THR B 247 12.09 19.50 14.99
CA THR B 247 11.34 20.71 14.68
C THR B 247 10.21 20.48 13.70
N SER B 248 10.38 19.53 12.76
CA SER B 248 9.39 19.28 11.73
C SER B 248 9.23 17.77 11.54
N GLN B 249 8.78 17.09 12.58
CA GLN B 249 8.46 15.67 12.52
C GLN B 249 7.47 15.39 11.40
N THR B 250 7.83 14.47 10.50
CA THR B 250 6.97 14.18 9.35
C THR B 250 6.78 12.70 9.06
N ASP B 251 7.84 11.89 9.11
CA ASP B 251 7.72 10.47 8.77
C ASP B 251 8.79 9.65 9.47
N PRO B 252 8.41 8.58 10.20
CA PRO B 252 9.39 7.80 10.97
C PRO B 252 10.14 6.76 10.16
N THR B 253 9.81 6.55 8.89
CA THR B 253 10.46 5.51 8.10
C THR B 253 11.96 5.77 7.96
N GLY B 254 12.76 4.76 8.30
CA GLY B 254 14.20 4.83 8.12
C GLY B 254 14.96 5.56 9.20
N VAL B 255 14.30 5.98 10.29
CA VAL B 255 15.00 6.73 11.32
C VAL B 255 16.03 5.86 12.03
N GLY B 256 15.66 4.61 12.34
CA GLY B 256 16.61 3.70 12.98
C GLY B 256 17.80 3.39 12.09
N ASP B 257 17.55 3.13 10.80
CA ASP B 257 18.64 2.94 9.86
C ASP B 257 19.57 4.15 9.88
N ALA B 258 18.99 5.35 9.87
CA ALA B 258 19.78 6.58 9.88
C ALA B 258 20.65 6.66 11.12
N PHE B 259 20.07 6.35 12.29
CA PHE B 259 20.87 6.38 13.51
C PHE B 259 22.02 5.39 13.43
N ARG B 260 21.73 4.16 12.99
CA ARG B 260 22.78 3.15 12.88
C ARG B 260 23.88 3.62 11.96
N ALA B 261 23.53 4.24 10.83
CA ALA B 261 24.53 4.70 9.87
C ALA B 261 25.38 5.82 10.46
N GLY B 262 24.74 6.80 11.08
CA GLY B 262 25.50 7.89 11.68
C GLY B 262 26.42 7.39 12.79
N PHE B 263 25.91 6.51 13.64
CA PHE B 263 26.69 5.97 14.74
C PHE B 263 27.88 5.17 14.23
N LEU B 264 27.66 4.30 13.23
CA LEU B 264 28.76 3.48 12.74
C LEU B 264 29.75 4.29 11.92
N THR B 265 29.30 5.34 11.24
CA THR B 265 30.23 6.24 10.58
C THR B 265 31.11 6.93 11.61
N GLY B 266 30.50 7.46 12.67
CA GLY B 266 31.29 8.06 13.74
C GLY B 266 32.28 7.08 14.35
N ARG B 267 31.85 5.83 14.55
CA ARG B 267 32.76 4.83 15.11
C ARG B 267 33.93 4.56 14.17
N SER B 268 33.64 4.38 12.88
CA SER B 268 34.71 4.15 11.91
C SER B 268 35.62 5.36 11.77
N ALA B 269 35.14 6.55 12.12
CA ALA B 269 35.96 7.77 12.10
C ALA B 269 36.75 7.96 13.38
N GLY B 270 36.70 7.01 14.32
CA GLY B 270 37.48 7.09 15.53
C GLY B 270 36.80 7.79 16.69
N LEU B 271 35.53 8.16 16.57
CA LEU B 271 34.83 8.80 17.66
C LEU B 271 34.47 7.77 18.74
N GLY B 272 34.37 8.25 19.97
CA GLY B 272 33.92 7.43 21.07
C GLY B 272 32.44 7.08 20.94
N LEU B 273 31.98 6.25 21.87
CA LEU B 273 30.60 5.78 21.82
C LEU B 273 29.61 6.94 21.91
N GLU B 274 29.82 7.85 22.86
CA GLU B 274 28.87 8.93 23.09
C GLU B 274 28.82 9.89 21.89
N ARG B 275 29.99 10.28 21.38
CA ARG B 275 30.02 11.17 20.23
C ARG B 275 29.39 10.51 19.00
N SER B 276 29.67 9.22 18.79
CA SER B 276 29.08 8.50 17.68
C SER B 276 27.56 8.45 17.81
N ALA B 277 27.06 8.23 19.02
CA ALA B 277 25.61 8.20 19.23
C ALA B 277 24.98 9.57 19.03
N GLN B 278 25.71 10.64 19.37
CA GLN B 278 25.22 11.99 19.13
C GLN B 278 25.10 12.27 17.63
N LEU B 279 26.12 11.89 16.86
CA LEU B 279 26.02 12.01 15.40
C LEU B 279 24.87 11.18 14.85
N GLY B 280 24.71 9.95 15.35
CA GLY B 280 23.61 9.12 14.91
C GLY B 280 22.26 9.75 15.22
N SER B 281 22.13 10.37 16.40
CA SER B 281 20.89 11.06 16.74
C SER B 281 20.61 12.19 15.77
N LEU B 282 21.66 12.91 15.37
CA LEU B 282 21.47 13.99 14.40
C LEU B 282 20.92 13.44 13.09
N VAL B 283 21.58 12.41 12.53
CA VAL B 283 21.12 11.87 11.25
C VAL B 283 19.71 11.32 11.39
N ALA B 284 19.42 10.70 12.54
CA ALA B 284 18.09 10.14 12.79
C ALA B 284 17.03 11.22 12.74
N VAL B 285 17.27 12.36 13.39
CA VAL B 285 16.24 13.40 13.39
C VAL B 285 16.12 14.02 12.01
N LEU B 286 17.23 14.12 11.26
CA LEU B 286 17.14 14.63 9.90
C LEU B 286 16.25 13.74 9.05
N VAL B 287 16.34 12.41 9.25
CA VAL B 287 15.48 11.51 8.50
C VAL B 287 14.04 11.62 8.99
N LEU B 288 13.86 11.74 10.31
CA LEU B 288 12.53 11.93 10.88
C LEU B 288 11.81 13.13 10.29
N GLU B 289 12.56 14.17 9.93
CA GLU B 289 12.02 15.42 9.43
C GLU B 289 11.88 15.45 7.91
N SER B 290 12.07 14.31 7.25
CA SER B 290 11.83 14.19 5.82
C SER B 290 10.93 12.99 5.58
N THR B 291 10.35 12.93 4.38
CA THR B 291 9.38 11.88 4.07
C THR B 291 10.09 10.57 3.73
N GLY B 292 10.85 10.55 2.64
CA GLY B 292 11.60 9.37 2.28
C GLY B 292 12.67 9.05 3.30
N THR B 293 13.40 7.96 3.08
CA THR B 293 14.48 7.55 3.97
C THR B 293 15.83 8.14 3.58
N GLN B 294 16.00 8.51 2.31
CA GLN B 294 17.25 9.07 1.80
C GLN B 294 17.00 10.44 1.18
N GLU B 295 15.95 11.13 1.64
CA GLU B 295 15.55 12.43 1.11
C GLU B 295 16.19 13.59 1.86
N TRP B 296 17.00 13.32 2.87
CA TRP B 296 17.60 14.35 3.69
C TRP B 296 18.90 14.87 3.06
N GLN B 297 19.28 16.08 3.45
CA GLN B 297 20.50 16.72 3.01
C GLN B 297 21.44 16.91 4.19
N TRP B 298 22.74 16.86 3.90
CA TRP B 298 23.78 17.06 4.91
C TRP B 298 24.26 18.50 4.80
N ASP B 299 23.83 19.32 5.76
CA ASP B 299 24.26 20.71 5.88
C ASP B 299 25.24 20.78 7.05
N TYR B 300 26.51 21.05 6.74
CA TYR B 300 27.54 21.05 7.78
C TYR B 300 27.23 22.06 8.87
N GLU B 301 26.78 23.25 8.47
CA GLU B 301 26.55 24.32 9.44
C GLU B 301 25.34 23.99 10.32
N ALA B 302 24.24 23.54 9.70
CA ALA B 302 23.05 23.16 10.47
C ALA B 302 23.34 21.96 11.37
N ALA B 303 24.12 21.01 10.87
CA ALA B 303 24.52 19.87 11.70
C ALA B 303 25.30 20.34 12.92
N ALA B 304 26.31 21.19 12.72
CA ALA B 304 27.08 21.71 13.84
C ALA B 304 26.18 22.45 14.83
N SER B 305 25.28 23.29 14.32
CA SER B 305 24.41 24.07 15.20
C SER B 305 23.50 23.17 16.03
N ARG B 306 22.86 22.19 15.41
CA ARG B 306 21.93 21.33 16.16
C ARG B 306 22.68 20.43 17.13
N LEU B 307 23.84 19.90 16.73
CA LEU B 307 24.66 19.16 17.66
C LEU B 307 25.03 20.00 18.87
N ALA B 308 25.44 21.24 18.64
CA ALA B 308 25.83 22.10 19.77
C ALA B 308 24.64 22.39 20.66
N GLY B 309 23.49 22.69 20.07
CA GLY B 309 22.31 22.97 20.87
C GLY B 309 21.90 21.79 21.74
N ALA B 310 22.05 20.58 21.23
CA ALA B 310 21.60 19.41 21.99
C ALA B 310 22.65 18.93 22.99
N TYR B 311 23.94 18.99 22.62
CA TYR B 311 25.00 18.31 23.37
C TYR B 311 26.16 19.21 23.78
N GLY B 312 26.23 20.45 23.33
CA GLY B 312 27.30 21.33 23.73
C GLY B 312 28.26 21.62 22.59
N GLU B 313 28.87 22.81 22.65
CA GLU B 313 29.79 23.24 21.60
C GLU B 313 30.98 22.29 21.46
N HIS B 314 31.50 21.76 22.58
CA HIS B 314 32.66 20.89 22.50
C HIS B 314 32.35 19.60 21.74
N ALA B 315 31.24 18.95 22.09
CA ALA B 315 30.83 17.72 21.40
C ALA B 315 30.58 17.99 19.93
N ALA B 316 29.87 19.08 19.62
CA ALA B 316 29.61 19.42 18.22
C ALA B 316 30.90 19.60 17.45
N ALA B 317 31.87 20.33 18.03
CA ALA B 317 33.14 20.57 17.36
C ALA B 317 33.88 19.27 17.11
N GLU B 318 33.95 18.40 18.12
CA GLU B 318 34.65 17.14 17.92
C GLU B 318 33.97 16.30 16.86
N ILE B 319 32.64 16.32 16.81
CA ILE B 319 31.92 15.52 15.81
C ILE B 319 32.19 16.04 14.41
N VAL B 320 32.01 17.35 14.21
CA VAL B 320 32.17 17.90 12.86
C VAL B 320 33.62 17.89 12.41
N ALA B 321 34.56 17.81 13.35
CA ALA B 321 35.97 17.78 12.97
C ALA B 321 36.31 16.55 12.14
N VAL B 322 35.66 15.41 12.41
CA VAL B 322 36.02 14.16 11.75
C VAL B 322 35.18 13.96 10.50
N LEU B 323 34.40 14.98 10.12
CA LEU B 323 33.61 14.92 8.90
C LEU B 323 34.05 16.01 7.93
S SO4 C . -18.62 -4.51 -2.22
O1 SO4 C . -19.09 -5.31 -1.09
O2 SO4 C . -17.52 -3.65 -1.79
O3 SO4 C . -19.72 -3.68 -2.73
O4 SO4 C . -18.15 -5.39 -3.29
NA NA D . -11.03 -9.35 -7.79
O5' MTP E . -14.76 -1.17 -6.26
C5' MTP E . -13.35 -1.41 -6.31
C4' MTP E . -12.61 -0.22 -6.88
O4' MTP E . -12.86 0.93 -6.06
C1' MTP E . -11.77 1.82 -6.15
N9 MTP E . -11.69 2.55 -4.89
C8 MTP E . -11.18 2.08 -3.74
N7 MTP E . -11.31 3.03 -2.79
C5 MTP E . -11.92 4.12 -3.35
C6 MTP E . -12.32 5.41 -2.88
S6 MTP E . -12.02 5.89 -1.15
CS MTP E . -12.30 7.69 -0.99
N1 MTP E . -12.92 6.26 -3.71
C2 MTP E . -13.14 5.92 -4.98
N3 MTP E . -12.78 4.74 -5.45
C4 MTP E . -12.17 3.81 -4.65
C2' MTP E . -10.52 0.98 -6.46
O2' MTP E . -9.69 1.62 -7.39
C3' MTP E . -11.09 -0.37 -6.97
O3' MTP E . -10.72 -0.57 -8.33
N9 MTP F . -20.12 -14.77 -5.95
C8 MTP F . -19.80 -15.99 -5.51
N7 MTP F . -19.41 -15.91 -4.22
C5 MTP F . -19.51 -14.59 -3.83
C6 MTP F . -19.25 -13.88 -2.63
S6 MTP F . -18.65 -14.80 -1.17
CS MTP F . -17.64 -13.69 -0.14
N1 MTP F . -19.44 -12.56 -2.57
C2 MTP F . -19.87 -11.90 -3.65
N3 MTP F . -20.12 -12.53 -4.79
C4 MTP F . -19.94 -13.88 -4.92
S SO4 G . 13.18 1.68 14.47
O1 SO4 G . 12.13 1.83 15.47
O2 SO4 G . 14.45 2.17 15.02
O3 SO4 G . 13.33 0.28 14.11
O4 SO4 G . 12.84 2.46 13.27
C1 GOL H . -1.27 0.54 4.18
O1 GOL H . -0.04 1.02 3.75
C2 GOL H . -1.46 -0.86 3.57
O2 GOL H . -0.17 -1.35 3.24
C3 GOL H . -2.29 -0.85 2.29
O3 GOL H . -2.73 -2.16 2.07
NA NA I . 11.31 9.46 7.15
O5' MTP J . 14.00 0.84 8.01
C5' MTP J . 13.05 1.25 7.04
C4' MTP J . 13.19 0.47 5.76
O4' MTP J . 12.90 -0.92 6.00
C1' MTP J . 12.44 -1.53 4.83
N9 MTP J . 11.55 -2.61 5.23
C8 MTP J . 10.28 -2.49 5.65
N7 MTP J . 9.81 -3.70 5.95
C5 MTP J . 10.78 -4.63 5.73
C6 MTP J . 10.89 -6.05 5.87
S6 MTP J . 9.45 -7.00 6.46
CS MTP J . 9.77 -8.77 6.15
N1 MTP J . 12.03 -6.67 5.56
C2 MTP J . 13.07 -5.97 5.14
N3 MTP J . 13.01 -4.65 5.00
C4 MTP J . 11.88 -3.94 5.29
C2' MTP J . 11.78 -0.42 3.98
O2' MTP J . 12.12 -0.57 2.61
C3' MTP J . 12.29 0.89 4.61
O3' MTP J . 13.06 1.62 3.64
N9 MTP K . 14.94 9.60 16.78
C8 MTP K . 14.01 8.63 16.83
N7 MTP K . 12.84 9.17 17.22
C5 MTP K . 13.03 10.51 17.42
C6 MTP K . 12.20 11.60 17.83
S6 MTP K . 10.44 11.29 18.20
CS MTP K . 9.69 12.81 18.86
N1 MTP K . 12.71 12.83 17.92
C2 MTP K . 13.99 13.05 17.66
N3 MTP K . 14.80 12.06 17.26
C4 MTP K . 14.35 10.78 17.14
#